data_6QN2
#
_entry.id   6QN2
#
_cell.length_a   152.640
_cell.length_b   152.640
_cell.length_c   172.840
_cell.angle_alpha   90.00
_cell.angle_beta   90.00
_cell.angle_gamma   120.00
#
_symmetry.space_group_name_H-M   'H 3'
#
loop_
_entity.id
_entity.type
_entity.pdbx_description
1 polymer 'Carbonic anhydrase 9'
2 non-polymer 'ZINC ION'
3 non-polymer 'methyl 4-[(4-chloranyl-2-cyclohexylsulfanyl-5-sulfamoyl-phenyl)carbonylamino]butanoate'
4 water water
#
_entity_poly.entity_id   1
_entity_poly.type   'polypeptide(L)'
_entity_poly.pdbx_seq_one_letter_code
;GPDQSHWRYGGDPPWPRVSPACAGRFQSPVDIRPQLAAFSPALRPLELLGFQLPPLPELRLRNNGHSVQLTLPPGLEMAL
GPGREYRALQLHLHWGAAGRPGSEHTVEGHRFPAEIHVVHLSTAFARVDEALGRPGGLAVLAAFLEEGPEENSAYEQLLS
RLEEIAEEGSETQVPGLDISALLPSDFSRYFQYEGSLTTPPCAQGVIWTVFNQTVMLSAKQLHTLSDTLWGPGDSRLQLN
FRATQPLNGRVIEASFP
;
_entity_poly.pdbx_strand_id   A,B,C,D
#
loop_
_chem_comp.id
_chem_comp.type
_chem_comp.name
_chem_comp.formula
J92 non-polymer 'methyl 4-[(4-chloranyl-2-cyclohexylsulfanyl-5-sulfamoyl-phenyl)carbonylamino]butanoate' 'C18 H25 Cl N2 O5 S2'
ZN non-polymer 'ZINC ION' 'Zn 2'
#
# COMPACT_ATOMS: atom_id res chain seq x y z
N TRP A 7 -22.86 -4.33 -5.96
CA TRP A 7 -23.13 -3.34 -7.05
C TRP A 7 -22.82 -3.94 -8.44
N ARG A 8 -23.53 -3.50 -9.49
CA ARG A 8 -23.18 -3.79 -10.90
C ARG A 8 -23.64 -2.66 -11.84
N TYR A 9 -23.15 -2.67 -13.09
CA TYR A 9 -23.59 -1.79 -14.22
C TYR A 9 -24.96 -2.26 -14.73
N GLY A 10 -25.81 -1.32 -15.17
CA GLY A 10 -27.09 -1.61 -15.87
C GLY A 10 -28.19 -2.18 -14.98
N GLY A 11 -28.24 -1.83 -13.69
CA GLY A 11 -29.34 -2.25 -12.79
C GLY A 11 -28.98 -2.14 -11.32
N ASP A 12 -29.78 -2.81 -10.47
CA ASP A 12 -29.87 -2.57 -8.99
C ASP A 12 -28.77 -3.36 -8.27
N PRO A 13 -28.34 -2.98 -7.03
CA PRO A 13 -28.92 -1.85 -6.30
C PRO A 13 -28.57 -0.51 -6.96
N PRO A 14 -29.58 0.79 -6.65
CA PRO A 14 -29.04 2.10 -6.98
C PRO A 14 -27.71 2.28 -6.21
N TRP A 15 -26.72 2.84 -6.90
CA TRP A 15 -25.35 3.08 -6.36
C TRP A 15 -25.41 3.90 -5.05
N PRO A 16 -26.28 4.95 -4.90
CA PRO A 16 -26.42 5.68 -3.63
C PRO A 16 -26.83 4.84 -2.40
N ARG A 17 -27.57 3.74 -2.59
CA ARG A 17 -27.84 2.75 -1.50
C ARG A 17 -26.50 2.06 -1.14
N VAL A 18 -25.67 1.74 -2.12
CA VAL A 18 -24.30 1.18 -1.91
C VAL A 18 -23.46 2.28 -1.23
N SER A 19 -23.37 3.49 -1.80
CA SER A 19 -22.53 4.57 -1.26
C SER A 19 -23.20 5.91 -1.50
N PRO A 20 -23.48 6.67 -0.42
CA PRO A 20 -24.14 7.98 -0.55
C PRO A 20 -23.35 8.92 -1.47
N ALA A 21 -22.02 8.81 -1.47
CA ALA A 21 -21.13 9.68 -2.30
C ALA A 21 -21.47 9.51 -3.79
N CYS A 22 -22.09 8.38 -4.20
CA CYS A 22 -22.53 8.15 -5.61
C CYS A 22 -23.67 9.12 -6.01
N ALA A 23 -24.19 9.90 -5.05
CA ALA A 23 -25.22 10.95 -5.26
C ALA A 23 -24.64 12.33 -5.00
N GLY A 24 -23.31 12.46 -4.93
CA GLY A 24 -22.64 13.76 -4.81
C GLY A 24 -22.88 14.62 -6.03
N ARG A 25 -22.60 15.93 -5.93
CA ARG A 25 -22.85 16.96 -6.99
C ARG A 25 -21.73 16.93 -8.03
N PHE A 26 -20.53 16.54 -7.60
CA PHE A 26 -19.25 16.65 -8.38
C PHE A 26 -18.72 15.27 -8.75
N GLN A 27 -19.44 14.56 -9.63
CA GLN A 27 -19.17 13.13 -9.95
C GLN A 27 -18.48 12.99 -11.31
N SER A 28 -17.89 11.80 -11.52
CA SER A 28 -17.21 11.41 -12.80
C SER A 28 -17.93 10.18 -13.32
N PRO A 29 -17.89 9.85 -14.62
CA PRO A 29 -17.18 10.68 -15.61
C PRO A 29 -18.03 11.87 -16.08
N VAL A 30 -17.45 12.72 -16.91
CA VAL A 30 -18.14 13.93 -17.46
C VAL A 30 -17.93 13.97 -18.98
N ASP A 31 -18.76 14.76 -19.65
CA ASP A 31 -18.62 15.06 -21.09
C ASP A 31 -17.69 16.26 -21.18
N ILE A 32 -16.57 16.12 -21.87
CA ILE A 32 -15.63 17.26 -22.07
C ILE A 32 -16.11 18.05 -23.31
N ARG A 33 -16.42 19.34 -23.14
CA ARG A 33 -16.73 20.31 -24.23
C ARG A 33 -15.54 21.23 -24.33
N PRO A 34 -14.55 20.96 -25.21
CA PRO A 34 -13.27 21.68 -25.18
C PRO A 34 -13.39 23.19 -25.32
N GLN A 35 -14.45 23.66 -25.97
CA GLN A 35 -14.73 25.12 -26.14
C GLN A 35 -15.12 25.75 -24.79
N LEU A 36 -15.70 25.00 -23.84
CA LEU A 36 -15.96 25.55 -22.47
C LEU A 36 -14.76 25.25 -21.57
N ALA A 37 -13.68 24.66 -22.09
CA ALA A 37 -12.51 24.32 -21.22
C ALA A 37 -11.77 25.62 -20.97
N ALA A 38 -11.05 25.70 -19.86
CA ALA A 38 -10.28 26.88 -19.42
C ALA A 38 -8.80 26.58 -19.67
N PHE A 39 -8.19 27.32 -20.59
CA PHE A 39 -6.74 27.24 -20.83
C PHE A 39 -6.06 27.70 -19.56
N SER A 40 -5.28 26.83 -18.93
CA SER A 40 -4.38 27.18 -17.80
C SER A 40 -2.96 26.79 -18.10
N PRO A 41 -2.10 27.76 -18.40
CA PRO A 41 -0.70 27.46 -18.67
C PRO A 41 0.07 26.99 -17.43
N ALA A 42 -0.54 26.93 -16.25
CA ALA A 42 0.15 26.33 -15.07
C ALA A 42 0.22 24.80 -15.22
N LEU A 43 -0.58 24.22 -16.11
CA LEU A 43 -0.61 22.76 -16.35
C LEU A 43 0.57 22.32 -17.23
N ARG A 44 1.65 21.87 -16.61
CA ARG A 44 2.85 21.35 -17.28
C ARG A 44 2.67 19.88 -17.68
N PRO A 45 3.57 19.39 -18.56
CA PRO A 45 3.61 17.98 -18.96
C PRO A 45 3.73 17.06 -17.74
N LEU A 46 2.95 15.97 -17.72
CA LEU A 46 3.01 14.94 -16.66
C LEU A 46 4.39 14.29 -16.66
N GLU A 47 4.89 13.88 -15.50
CA GLU A 47 6.15 13.16 -15.35
C GLU A 47 5.86 11.80 -14.67
N LEU A 48 6.31 10.74 -15.33
CA LEU A 48 6.25 9.34 -14.86
C LEU A 48 7.67 8.86 -14.63
N LEU A 49 7.97 8.31 -13.47
CA LEU A 49 9.29 7.67 -13.15
C LEU A 49 8.99 6.25 -12.72
N GLY A 50 9.77 5.29 -13.22
CA GLY A 50 9.76 3.93 -12.68
C GLY A 50 8.72 3.09 -13.37
N PHE A 51 8.15 3.60 -14.47
CA PHE A 51 7.04 2.92 -15.18
C PHE A 51 7.57 1.84 -16.12
N GLN A 52 8.87 1.82 -16.42
CA GLN A 52 9.50 0.80 -17.29
C GLN A 52 10.03 -0.35 -16.44
N LEU A 53 9.19 -1.36 -16.28
CA LEU A 53 9.42 -2.46 -15.33
C LEU A 53 10.23 -3.56 -15.98
N PRO A 54 11.09 -4.22 -15.20
CA PRO A 54 11.71 -5.45 -15.66
C PRO A 54 10.64 -6.54 -15.71
N PRO A 55 10.88 -7.66 -16.41
CA PRO A 55 9.90 -8.73 -16.57
C PRO A 55 9.52 -9.42 -15.26
N LEU A 56 10.44 -9.46 -14.30
CA LEU A 56 10.27 -10.10 -12.97
C LEU A 56 10.60 -9.05 -11.93
N PRO A 57 9.86 -8.97 -10.80
CA PRO A 57 8.71 -9.84 -10.53
C PRO A 57 7.49 -9.62 -11.45
N GLU A 58 6.65 -10.63 -11.57
CA GLU A 58 5.45 -10.59 -12.41
C GLU A 58 4.39 -9.74 -11.73
N LEU A 59 3.42 -9.28 -12.50
CA LEU A 59 2.24 -8.51 -12.00
C LEU A 59 1.02 -9.42 -12.01
N ARG A 60 0.02 -9.08 -11.21
CA ARG A 60 -1.28 -9.77 -11.21
C ARG A 60 -2.33 -9.01 -12.01
N LEU A 61 -2.96 -9.74 -12.92
CA LEU A 61 -4.00 -9.30 -13.86
C LEU A 61 -5.27 -10.05 -13.46
N ARG A 62 -6.35 -9.31 -13.19
CA ARG A 62 -7.54 -9.87 -12.51
C ARG A 62 -8.80 -9.42 -13.24
N ASN A 63 -9.68 -10.39 -13.52
CA ASN A 63 -11.08 -10.16 -13.88
C ASN A 63 -11.86 -10.04 -12.58
N ASN A 64 -12.21 -8.82 -12.19
CA ASN A 64 -12.88 -8.57 -10.88
C ASN A 64 -14.39 -8.52 -11.10
N GLY A 65 -14.84 -8.79 -12.33
CA GLY A 65 -16.27 -8.81 -12.65
C GLY A 65 -16.78 -7.44 -13.04
N HIS A 66 -16.03 -6.38 -12.78
CA HIS A 66 -16.35 -4.97 -13.17
C HIS A 66 -15.39 -4.45 -14.25
N SER A 67 -14.17 -4.96 -14.25
CA SER A 67 -13.09 -4.56 -15.18
C SER A 67 -12.06 -5.67 -15.22
N VAL A 68 -11.06 -5.50 -16.07
CA VAL A 68 -9.77 -6.23 -15.96
C VAL A 68 -8.80 -5.24 -15.33
N GLN A 69 -8.19 -5.63 -14.23
CA GLN A 69 -7.30 -4.78 -13.40
C GLN A 69 -5.90 -5.39 -13.37
N LEU A 70 -4.90 -4.58 -13.67
CA LEU A 70 -3.47 -4.89 -13.45
C LEU A 70 -3.03 -4.16 -12.20
N THR A 71 -2.57 -4.89 -11.21
CA THR A 71 -2.01 -4.32 -9.98
C THR A 71 -0.57 -3.91 -10.27
N LEU A 72 -0.21 -2.69 -9.88
CA LEU A 72 1.15 -2.16 -10.14
C LEU A 72 1.95 -2.29 -8.86
N PRO A 73 3.26 -2.56 -8.99
CA PRO A 73 4.14 -2.69 -7.85
C PRO A 73 4.60 -1.36 -7.30
N PRO A 74 5.27 -1.36 -6.14
CA PRO A 74 5.80 -0.12 -5.57
C PRO A 74 6.81 0.51 -6.53
N GLY A 75 6.96 2.00 -6.50
CA GLY A 75 8.05 2.75 -7.16
C GLY A 75 7.62 3.33 -8.47
N LEU A 76 6.32 3.37 -8.77
CA LEU A 76 5.85 4.10 -9.98
C LEU A 76 5.39 5.45 -9.48
N GLU A 77 6.20 6.45 -9.80
CA GLU A 77 6.04 7.86 -9.35
C GLU A 77 5.46 8.66 -10.50
N MET A 78 4.45 9.45 -10.18
CA MET A 78 3.76 10.34 -11.15
C MET A 78 3.57 11.71 -10.49
N ALA A 79 3.93 12.78 -11.19
CA ALA A 79 3.73 14.17 -10.75
C ALA A 79 2.82 14.88 -11.72
N LEU A 80 1.79 15.54 -11.19
CA LEU A 80 0.87 16.41 -11.96
C LEU A 80 1.52 17.77 -12.19
N GLY A 81 2.58 18.01 -11.46
CA GLY A 81 3.38 19.23 -11.53
C GLY A 81 4.30 19.28 -10.32
N PRO A 82 5.20 20.42 -10.13
CA PRO A 82 6.06 20.48 -8.96
C PRO A 82 5.28 20.45 -7.65
N GLY A 83 5.65 19.53 -6.77
CA GLY A 83 5.02 19.35 -5.45
C GLY A 83 3.65 18.65 -5.51
N ARG A 84 3.24 18.08 -6.64
CA ARG A 84 1.95 17.35 -6.80
C ARG A 84 2.28 15.87 -7.11
N GLU A 85 2.72 15.13 -6.09
CA GLU A 85 3.37 13.79 -6.27
C GLU A 85 2.44 12.65 -5.86
N TYR A 86 2.46 11.60 -6.69
CA TYR A 86 1.58 10.41 -6.62
C TYR A 86 2.41 9.13 -6.83
N ARG A 87 1.90 7.99 -6.34
CA ARG A 87 2.38 6.61 -6.58
C ARG A 87 1.26 5.83 -7.27
N ALA A 88 1.57 5.14 -8.35
CA ALA A 88 0.59 4.35 -9.10
C ALA A 88 0.27 3.07 -8.28
N LEU A 89 -1.01 2.70 -8.18
CA LEU A 89 -1.53 1.48 -7.52
C LEU A 89 -1.96 0.45 -8.54
N GLN A 90 -2.73 0.85 -9.56
CA GLN A 90 -3.33 -0.14 -10.47
C GLN A 90 -3.82 0.56 -11.73
N LEU A 91 -4.05 -0.21 -12.79
CA LEU A 91 -4.77 0.29 -13.99
C LEU A 91 -5.87 -0.72 -14.31
N HIS A 92 -6.91 -0.25 -14.97
CA HIS A 92 -8.03 -1.10 -15.40
C HIS A 92 -8.64 -0.43 -16.62
N LEU A 93 -9.58 -1.10 -17.27
CA LEU A 93 -10.14 -0.66 -18.56
C LEU A 93 -11.68 -0.57 -18.49
N HIS A 94 -12.27 0.33 -19.28
CA HIS A 94 -13.73 0.38 -19.49
C HIS A 94 -13.98 0.22 -20.99
N TRP A 95 -14.98 -0.58 -21.36
CA TRP A 95 -15.18 -0.88 -22.80
C TRP A 95 -16.66 -1.15 -23.09
N GLY A 96 -17.01 -1.32 -24.36
CA GLY A 96 -18.42 -1.51 -24.78
C GLY A 96 -18.71 -2.94 -25.18
N ALA A 97 -19.15 -3.11 -26.42
CA ALA A 97 -19.60 -4.42 -26.98
C ALA A 97 -19.57 -4.26 -28.50
N ALA A 98 -19.55 -5.35 -29.25
CA ALA A 98 -19.56 -5.37 -30.74
C ALA A 98 -20.33 -4.15 -31.27
N GLY A 99 -19.65 -3.21 -31.92
CA GLY A 99 -20.27 -2.00 -32.49
C GLY A 99 -20.94 -1.10 -31.44
N ARG A 100 -20.44 -1.08 -30.20
CA ARG A 100 -20.90 -0.07 -29.20
C ARG A 100 -19.70 0.47 -28.43
N PRO A 101 -19.44 1.78 -28.51
CA PRO A 101 -18.33 2.36 -27.74
C PRO A 101 -18.63 2.26 -26.23
N GLY A 102 -17.58 2.29 -25.39
CA GLY A 102 -17.73 2.15 -23.93
C GLY A 102 -16.70 2.91 -23.14
N SER A 103 -16.15 4.00 -23.69
CA SER A 103 -15.37 4.96 -22.88
C SER A 103 -16.30 5.56 -21.82
N GLU A 104 -15.73 6.01 -20.70
CA GLU A 104 -16.47 6.67 -19.59
C GLU A 104 -16.66 8.15 -19.93
N HIS A 105 -15.55 8.83 -20.12
CA HIS A 105 -15.49 10.24 -20.54
C HIS A 105 -15.98 10.29 -21.97
N THR A 106 -16.59 11.41 -22.37
CA THR A 106 -17.00 11.66 -23.77
C THR A 106 -16.44 13.03 -24.15
N VAL A 107 -16.31 13.26 -25.44
CA VAL A 107 -15.86 14.56 -25.98
C VAL A 107 -16.97 15.04 -26.92
N GLU A 108 -17.57 16.19 -26.59
CA GLU A 108 -18.66 16.81 -27.39
C GLU A 108 -19.64 15.68 -27.64
N GLY A 109 -19.93 14.87 -26.61
CA GLY A 109 -20.91 13.77 -26.65
C GLY A 109 -20.40 12.50 -27.32
N HIS A 110 -19.24 12.49 -27.97
CA HIS A 110 -18.66 11.30 -28.65
C HIS A 110 -18.10 10.32 -27.63
N ARG A 111 -18.51 9.05 -27.69
CA ARG A 111 -17.96 7.99 -26.83
C ARG A 111 -16.96 7.17 -27.66
N PHE A 112 -15.75 7.01 -27.12
CA PHE A 112 -14.65 6.26 -27.76
C PHE A 112 -14.84 4.78 -27.46
N PRO A 113 -14.21 3.89 -28.26
CA PRO A 113 -14.37 2.44 -28.05
C PRO A 113 -14.11 2.00 -26.61
N ALA A 114 -13.03 2.49 -26.01
CA ALA A 114 -12.64 2.08 -24.64
C ALA A 114 -11.78 3.17 -23.99
N GLU A 115 -11.40 2.96 -22.72
CA GLU A 115 -10.71 3.94 -21.87
C GLU A 115 -9.87 3.18 -20.86
N ILE A 116 -8.63 3.63 -20.68
CA ILE A 116 -7.75 3.09 -19.61
C ILE A 116 -7.69 4.13 -18.50
N HIS A 117 -7.68 3.64 -17.25
CA HIS A 117 -7.49 4.43 -16.01
C HIS A 117 -6.25 3.93 -15.25
N VAL A 118 -5.32 4.83 -14.97
CA VAL A 118 -4.18 4.56 -14.07
C VAL A 118 -4.45 5.35 -12.79
N VAL A 119 -4.77 4.60 -11.73
CA VAL A 119 -5.21 5.09 -10.42
C VAL A 119 -3.97 5.27 -9.55
N HIS A 120 -3.80 6.45 -8.99
CA HIS A 120 -2.64 6.85 -8.14
C HIS A 120 -3.09 7.38 -6.78
N LEU A 121 -2.19 7.29 -5.80
CA LEU A 121 -2.39 7.72 -4.40
C LEU A 121 -1.39 8.86 -4.12
N SER A 122 -1.87 9.97 -3.60
CA SER A 122 -1.00 11.07 -3.09
C SER A 122 0.02 10.44 -2.13
N THR A 123 1.27 10.83 -2.29
CA THR A 123 2.38 10.44 -1.39
C THR A 123 2.12 10.94 0.02
N ALA A 124 1.07 11.98 0.29
CA ALA A 124 0.84 12.35 1.70
C ALA A 124 0.05 11.24 2.43
N PHE A 125 -0.44 10.22 1.72
CA PHE A 125 -1.31 9.14 2.26
C PHE A 125 -0.61 7.78 2.09
N ALA A 126 -0.56 7.00 3.17
CA ALA A 126 -0.09 5.60 3.20
C ALA A 126 -1.13 4.64 2.59
N ARG A 127 -2.43 4.92 2.66
CA ARG A 127 -3.44 3.92 2.25
C ARG A 127 -4.59 4.63 1.54
N VAL A 128 -5.15 3.98 0.54
CA VAL A 128 -6.26 4.54 -0.26
C VAL A 128 -7.40 5.01 0.63
N ASP A 129 -7.76 4.24 1.63
CA ASP A 129 -9.01 4.56 2.36
C ASP A 129 -8.78 5.86 3.13
N GLU A 130 -7.55 6.17 3.54
CA GLU A 130 -7.26 7.52 4.13
C GLU A 130 -7.40 8.63 3.07
N ALA A 131 -7.18 8.34 1.79
CA ALA A 131 -7.19 9.38 0.72
C ALA A 131 -8.62 9.64 0.22
N LEU A 132 -9.52 8.65 0.37
CA LEU A 132 -10.88 8.71 -0.24
C LEU A 132 -11.57 9.94 0.31
N GLY A 133 -12.17 10.74 -0.56
CA GLY A 133 -12.91 11.96 -0.20
C GLY A 133 -12.01 13.13 0.15
N ARG A 134 -10.68 12.96 0.22
CA ARG A 134 -9.74 14.07 0.55
C ARG A 134 -9.30 14.78 -0.72
N PRO A 135 -9.14 16.14 -0.72
CA PRO A 135 -8.77 16.89 -1.93
C PRO A 135 -7.40 16.40 -2.47
N GLY A 136 -7.40 15.99 -3.72
CA GLY A 136 -6.17 15.53 -4.41
C GLY A 136 -5.63 14.23 -3.84
N GLY A 137 -6.39 13.54 -2.99
CA GLY A 137 -5.92 12.26 -2.39
C GLY A 137 -5.60 11.20 -3.46
N LEU A 138 -6.48 11.08 -4.46
CA LEU A 138 -6.33 10.19 -5.63
C LEU A 138 -6.26 11.03 -6.91
N ALA A 139 -5.38 10.59 -7.81
CA ALA A 139 -5.27 11.06 -9.18
C ALA A 139 -5.39 9.88 -10.14
N VAL A 140 -6.23 10.03 -11.14
CA VAL A 140 -6.38 9.06 -12.25
C VAL A 140 -5.87 9.72 -13.54
N LEU A 141 -5.01 9.01 -14.30
CA LEU A 141 -4.70 9.29 -15.73
C LEU A 141 -5.63 8.45 -16.62
N ALA A 142 -6.32 9.13 -17.51
CA ALA A 142 -7.34 8.56 -18.40
C ALA A 142 -6.93 8.81 -19.85
N ALA A 143 -6.97 7.77 -20.68
CA ALA A 143 -6.74 7.85 -22.14
C ALA A 143 -7.81 7.06 -22.86
N PHE A 144 -8.23 7.55 -24.02
CA PHE A 144 -9.20 6.83 -24.88
C PHE A 144 -8.43 5.83 -25.73
N LEU A 145 -9.02 4.65 -25.88
CA LEU A 145 -8.57 3.61 -26.84
C LEU A 145 -9.44 3.69 -28.10
N GLU A 146 -8.79 3.80 -29.26
CA GLU A 146 -9.43 3.82 -30.58
C GLU A 146 -8.76 2.76 -31.46
N GLU A 147 -9.40 2.48 -32.58
CA GLU A 147 -8.88 1.55 -33.58
C GLU A 147 -7.76 2.22 -34.37
N GLY A 148 -6.63 1.53 -34.45
CA GLY A 148 -5.58 1.87 -35.42
C GLY A 148 -5.26 0.69 -36.33
N PRO A 149 -4.35 0.90 -37.30
CA PRO A 149 -4.03 -0.15 -38.27
C PRO A 149 -3.12 -1.26 -37.72
N GLU A 150 -2.46 -1.06 -36.60
CA GLU A 150 -1.40 -1.98 -36.11
C GLU A 150 -1.86 -2.65 -34.82
N GLU A 151 -1.35 -3.84 -34.57
CA GLU A 151 -1.41 -4.48 -33.26
C GLU A 151 -0.60 -3.65 -32.25
N ASN A 152 -1.20 -3.28 -31.12
CA ASN A 152 -0.50 -2.53 -30.05
C ASN A 152 0.23 -3.57 -29.20
N SER A 153 1.54 -3.64 -29.30
CA SER A 153 2.33 -4.73 -28.66
C SER A 153 2.27 -4.62 -27.13
N ALA A 154 2.24 -3.40 -26.58
CA ALA A 154 2.13 -3.23 -25.11
C ALA A 154 0.80 -3.82 -24.67
N TYR A 155 -0.29 -3.52 -25.38
CA TYR A 155 -1.64 -4.00 -24.99
C TYR A 155 -1.79 -5.50 -25.26
N GLU A 156 -1.11 -6.00 -26.29
CA GLU A 156 -1.11 -7.44 -26.66
C GLU A 156 -0.70 -8.28 -25.44
N GLN A 157 0.25 -7.80 -24.65
CA GLN A 157 0.73 -8.53 -23.44
C GLN A 157 -0.40 -8.73 -22.42
N LEU A 158 -1.38 -7.84 -22.37
CA LEU A 158 -2.51 -8.06 -21.45
C LEU A 158 -3.62 -8.77 -22.21
N LEU A 159 -3.89 -8.34 -23.45
CA LEU A 159 -5.07 -8.84 -24.18
C LEU A 159 -4.91 -10.32 -24.52
N SER A 160 -3.67 -10.76 -24.74
CA SER A 160 -3.35 -12.17 -25.09
C SER A 160 -3.61 -13.05 -23.89
N ARG A 161 -3.89 -12.50 -22.71
CA ARG A 161 -4.05 -13.30 -21.47
C ARG A 161 -5.49 -13.26 -20.98
N LEU A 162 -6.42 -12.53 -21.61
CA LEU A 162 -7.80 -12.43 -21.10
C LEU A 162 -8.48 -13.80 -21.11
N GLU A 163 -8.20 -14.67 -22.08
CA GLU A 163 -8.79 -16.03 -22.17
C GLU A 163 -8.57 -16.77 -20.84
N GLU A 164 -7.35 -16.71 -20.31
CA GLU A 164 -6.96 -17.32 -19.01
C GLU A 164 -7.86 -16.81 -17.89
N ILE A 165 -8.47 -15.60 -18.01
CA ILE A 165 -9.17 -14.97 -16.85
C ILE A 165 -10.60 -14.61 -17.27
N ALA A 166 -11.13 -15.34 -18.25
CA ALA A 166 -12.52 -15.19 -18.75
C ALA A 166 -13.54 -15.19 -17.61
N GLU A 167 -13.31 -16.03 -16.61
CA GLU A 167 -14.28 -16.27 -15.51
C GLU A 167 -14.19 -15.12 -14.49
N GLU A 168 -15.35 -14.66 -14.01
CA GLU A 168 -15.39 -13.65 -12.94
C GLU A 168 -14.51 -14.13 -11.77
N GLY A 169 -13.69 -13.22 -11.19
CA GLY A 169 -12.91 -13.49 -9.97
C GLY A 169 -11.64 -14.30 -10.23
N SER A 170 -11.28 -14.52 -11.48
CA SER A 170 -10.04 -15.23 -11.88
C SER A 170 -8.92 -14.22 -12.10
N GLU A 171 -7.68 -14.72 -12.07
CA GLU A 171 -6.47 -13.90 -12.16
C GLU A 171 -5.34 -14.78 -12.69
N THR A 172 -4.36 -14.10 -13.27
CA THR A 172 -3.13 -14.71 -13.81
C THR A 172 -1.97 -13.76 -13.49
N GLN A 173 -0.75 -14.23 -13.66
CA GLN A 173 0.46 -13.42 -13.48
C GLN A 173 0.97 -13.06 -14.89
N VAL A 174 1.51 -11.86 -15.05
CA VAL A 174 2.09 -11.40 -16.34
C VAL A 174 3.42 -10.76 -16.07
N PRO A 175 4.40 -10.94 -16.97
CA PRO A 175 5.67 -10.24 -16.85
C PRO A 175 5.51 -8.71 -16.80
N GLY A 176 6.33 -8.05 -16.00
CA GLY A 176 6.53 -6.59 -16.04
C GLY A 176 6.76 -6.13 -17.48
N LEU A 177 6.22 -4.97 -17.79
CA LEU A 177 6.39 -4.30 -19.11
C LEU A 177 6.47 -2.80 -18.86
N ASP A 178 6.68 -2.05 -19.95
CA ASP A 178 6.62 -0.57 -19.94
C ASP A 178 5.16 -0.15 -19.82
N ILE A 179 4.79 0.22 -18.60
CA ILE A 179 3.39 0.57 -18.25
C ILE A 179 3.07 1.86 -19.04
N SER A 180 4.06 2.74 -19.22
CA SER A 180 3.84 4.03 -19.92
C SER A 180 3.55 3.78 -21.41
N ALA A 181 3.93 2.63 -21.98
CA ALA A 181 3.54 2.25 -23.36
C ALA A 181 2.05 1.94 -23.48
N LEU A 182 1.30 1.85 -22.36
CA LEU A 182 -0.17 1.69 -22.41
C LEU A 182 -0.86 3.07 -22.52
N LEU A 183 -0.07 4.15 -22.53
CA LEU A 183 -0.62 5.52 -22.48
C LEU A 183 -0.16 6.25 -23.73
N PRO A 184 -0.83 7.36 -24.11
CA PRO A 184 -0.36 8.22 -25.20
C PRO A 184 1.08 8.71 -24.98
N SER A 185 1.82 8.92 -26.06
CA SER A 185 3.19 9.48 -25.98
C SER A 185 3.18 10.97 -25.59
N ASP A 186 2.13 11.70 -25.96
CA ASP A 186 1.98 13.16 -25.66
C ASP A 186 1.50 13.36 -24.21
N PHE A 187 2.41 13.66 -23.31
CA PHE A 187 2.07 13.99 -21.91
C PHE A 187 1.80 15.50 -21.70
N SER A 188 1.73 16.32 -22.77
CA SER A 188 1.72 17.81 -22.69
C SER A 188 0.28 18.32 -22.81
N ARG A 189 -0.56 17.58 -23.55
CA ARG A 189 -1.93 18.05 -23.91
C ARG A 189 -2.96 17.16 -23.23
N TYR A 190 -3.70 17.75 -22.29
CA TYR A 190 -4.67 17.02 -21.46
C TYR A 190 -5.69 17.96 -20.86
N PHE A 191 -6.78 17.38 -20.44
CA PHE A 191 -7.84 18.08 -19.70
C PHE A 191 -7.69 17.64 -18.25
N GLN A 192 -8.06 18.50 -17.30
CA GLN A 192 -7.96 18.21 -15.85
C GLN A 192 -9.20 18.79 -15.16
N TYR A 193 -9.85 17.98 -14.36
CA TYR A 193 -10.97 18.49 -13.54
C TYR A 193 -11.01 17.69 -12.24
N GLU A 194 -11.87 18.12 -11.34
CA GLU A 194 -12.02 17.48 -10.02
C GLU A 194 -13.36 16.74 -10.02
N GLY A 195 -13.28 15.46 -9.67
CA GLY A 195 -14.41 14.54 -9.77
C GLY A 195 -14.30 13.47 -8.73
N SER A 196 -14.72 12.27 -9.10
CA SER A 196 -15.02 11.18 -8.14
C SER A 196 -14.53 9.87 -8.72
N LEU A 197 -14.45 8.83 -7.89
CA LEU A 197 -14.41 7.45 -8.42
C LEU A 197 -15.64 7.29 -9.33
N THR A 198 -15.55 6.55 -10.44
CA THR A 198 -16.69 6.26 -11.37
C THR A 198 -17.39 4.96 -10.95
N THR A 199 -16.92 4.33 -9.89
CA THR A 199 -17.52 3.10 -9.29
C THR A 199 -17.78 3.41 -7.83
N PRO A 200 -18.72 2.71 -7.16
CA PRO A 200 -18.87 2.85 -5.72
C PRO A 200 -17.49 2.66 -5.12
N PRO A 201 -17.13 3.34 -4.01
CA PRO A 201 -17.98 4.33 -3.35
C PRO A 201 -18.07 5.75 -3.92
N CYS A 202 -17.64 5.98 -5.15
CA CYS A 202 -17.82 7.29 -5.84
C CYS A 202 -17.32 8.46 -4.98
N ALA A 203 -16.26 8.30 -4.18
CA ALA A 203 -15.76 9.37 -3.29
C ALA A 203 -15.21 10.52 -4.13
N GLN A 204 -15.51 11.76 -3.71
CA GLN A 204 -15.08 12.99 -4.44
C GLN A 204 -13.63 13.35 -4.06
N GLY A 205 -13.10 14.41 -4.66
CA GLY A 205 -11.74 14.90 -4.43
C GLY A 205 -10.71 14.25 -5.32
N VAL A 206 -11.15 13.56 -6.37
CA VAL A 206 -10.24 12.87 -7.30
C VAL A 206 -9.84 13.86 -8.39
N ILE A 207 -8.54 13.95 -8.66
CA ILE A 207 -8.04 14.74 -9.82
C ILE A 207 -7.93 13.83 -11.06
N TRP A 208 -8.79 14.13 -12.03
CA TRP A 208 -8.87 13.49 -13.34
C TRP A 208 -8.02 14.24 -14.36
N THR A 209 -7.02 13.55 -14.92
CA THR A 209 -6.28 13.95 -16.14
C THR A 209 -6.73 13.08 -17.32
N VAL A 210 -7.29 13.69 -18.39
CA VAL A 210 -7.71 13.02 -19.65
C VAL A 210 -6.83 13.56 -20.77
N PHE A 211 -6.02 12.70 -21.37
CA PHE A 211 -5.15 13.01 -22.52
C PHE A 211 -5.95 13.44 -23.77
N ASN A 212 -5.44 14.44 -24.53
CA ASN A 212 -5.87 14.88 -25.91
C ASN A 212 -5.60 13.66 -26.79
N GLN A 213 -4.38 13.12 -26.75
CA GLN A 213 -3.99 12.07 -27.71
C GLN A 213 -4.64 10.74 -27.30
N THR A 214 -5.11 9.96 -28.26
CA THR A 214 -5.66 8.62 -27.99
C THR A 214 -4.60 7.55 -28.23
N VAL A 215 -4.83 6.38 -27.65
CA VAL A 215 -4.02 5.15 -27.80
C VAL A 215 -4.70 4.29 -28.88
N MET A 216 -3.90 3.68 -29.75
CA MET A 216 -4.44 2.91 -30.91
C MET A 216 -4.30 1.40 -30.65
N LEU A 217 -5.40 0.68 -30.76
CA LEU A 217 -5.44 -0.80 -30.80
C LEU A 217 -6.00 -1.26 -32.16
N SER A 218 -5.60 -2.44 -32.64
CA SER A 218 -6.22 -3.15 -33.79
C SER A 218 -7.70 -3.46 -33.48
N ALA A 219 -8.49 -3.61 -34.53
CA ALA A 219 -9.92 -4.03 -34.44
C ALA A 219 -10.00 -5.35 -33.67
N LYS A 220 -9.09 -6.28 -33.96
CA LYS A 220 -9.06 -7.61 -33.31
C LYS A 220 -8.87 -7.42 -31.79
N GLN A 221 -7.90 -6.59 -31.42
CA GLN A 221 -7.57 -6.29 -29.99
C GLN A 221 -8.82 -5.72 -29.31
N LEU A 222 -9.48 -4.74 -29.91
CA LEU A 222 -10.70 -4.17 -29.29
C LEU A 222 -11.77 -5.26 -29.18
N HIS A 223 -11.84 -6.17 -30.16
CA HIS A 223 -12.84 -7.28 -30.11
C HIS A 223 -12.44 -8.19 -28.96
N THR A 224 -11.16 -8.57 -28.83
CA THR A 224 -10.67 -9.42 -27.71
C THR A 224 -11.15 -8.82 -26.39
N LEU A 225 -10.97 -7.51 -26.21
CA LEU A 225 -11.26 -6.84 -24.91
C LEU A 225 -12.74 -7.00 -24.57
N SER A 226 -13.61 -6.85 -25.55
CA SER A 226 -15.07 -6.98 -25.25
C SER A 226 -15.56 -8.39 -25.44
CA ASP A 227 -15.57 -10.11 -26.04
C ASP A 227 -15.12 -11.42 -25.37
N THR A 228 -14.26 -11.30 -24.37
CA THR A 228 -13.58 -12.45 -23.74
C THR A 228 -13.94 -12.63 -22.26
N LEU A 229 -14.29 -11.57 -21.53
CA LEU A 229 -14.46 -11.75 -20.06
C LEU A 229 -15.95 -11.88 -19.75
N TRP A 230 -16.25 -12.61 -18.67
CA TRP A 230 -17.59 -12.77 -18.08
C TRP A 230 -17.62 -12.11 -16.71
N GLY A 231 -18.76 -11.55 -16.35
CA GLY A 231 -18.92 -10.78 -15.11
C GLY A 231 -20.01 -11.41 -14.25
N PRO A 232 -20.62 -10.61 -13.40
CA PRO A 232 -21.61 -11.09 -12.46
C PRO A 232 -22.61 -12.04 -13.13
N GLY A 233 -22.53 -13.33 -12.75
CA GLY A 233 -23.45 -14.34 -13.27
C GLY A 233 -22.98 -14.95 -14.57
N ASP A 234 -23.92 -15.30 -15.43
CA ASP A 234 -23.62 -15.91 -16.75
C ASP A 234 -23.63 -14.79 -17.80
N SER A 235 -23.42 -13.56 -17.32
CA SER A 235 -23.41 -12.35 -18.20
C SER A 235 -21.99 -12.01 -18.69
N ARG A 236 -21.89 -11.56 -19.94
CA ARG A 236 -20.65 -11.01 -20.55
C ARG A 236 -20.28 -9.68 -19.87
N LEU A 237 -18.98 -9.48 -19.64
CA LEU A 237 -18.44 -8.23 -19.06
C LEU A 237 -18.22 -7.25 -20.23
N GLN A 238 -19.24 -6.45 -20.49
CA GLN A 238 -19.33 -5.47 -21.59
C GLN A 238 -20.00 -4.22 -21.06
N LEU A 239 -19.80 -3.08 -21.72
CA LEU A 239 -20.57 -1.84 -21.43
C LEU A 239 -20.39 -1.49 -19.96
N ASN A 240 -19.17 -1.72 -19.45
CA ASN A 240 -18.79 -1.50 -18.04
C ASN A 240 -18.37 -0.02 -17.87
N PHE A 241 -19.28 0.90 -18.17
CA PHE A 241 -19.05 2.36 -18.01
C PHE A 241 -20.27 2.99 -17.38
N ARG A 242 -20.00 4.02 -16.58
CA ARG A 242 -21.01 4.82 -15.89
C ARG A 242 -21.47 5.90 -16.87
N ALA A 243 -22.75 6.27 -16.79
CA ALA A 243 -23.27 7.40 -17.58
C ALA A 243 -22.51 8.70 -17.24
N THR A 244 -22.36 9.56 -18.24
CA THR A 244 -21.84 10.93 -18.10
C THR A 244 -22.56 11.65 -16.95
N GLN A 245 -21.81 12.38 -16.13
CA GLN A 245 -22.36 13.12 -14.97
C GLN A 245 -22.22 14.60 -15.27
N PRO A 246 -23.20 15.41 -14.87
CA PRO A 246 -23.14 16.86 -15.11
C PRO A 246 -21.95 17.51 -14.37
N LEU A 247 -21.27 18.44 -15.03
CA LEU A 247 -20.23 19.30 -14.39
C LEU A 247 -20.80 20.10 -13.21
N ASN A 248 -22.03 20.61 -13.32
CA ASN A 248 -22.74 21.27 -12.17
C ASN A 248 -21.90 22.46 -11.67
N GLY A 249 -21.31 23.22 -12.60
CA GLY A 249 -20.58 24.45 -12.33
C GLY A 249 -19.08 24.25 -12.31
N ARG A 250 -18.58 23.02 -12.26
CA ARG A 250 -17.11 22.79 -12.41
C ARG A 250 -16.67 23.27 -13.79
N VAL A 251 -15.45 23.77 -13.87
CA VAL A 251 -14.75 24.19 -15.11
C VAL A 251 -13.61 23.19 -15.38
N ILE A 252 -13.68 22.48 -16.50
CA ILE A 252 -12.56 21.61 -16.97
C ILE A 252 -11.45 22.55 -17.41
N GLU A 253 -10.24 22.34 -16.93
CA GLU A 253 -9.05 23.07 -17.43
C GLU A 253 -8.39 22.26 -18.57
N ALA A 254 -7.56 22.92 -19.39
CA ALA A 254 -6.82 22.32 -20.52
C ALA A 254 -5.41 22.88 -20.48
N SER A 255 -4.39 22.05 -20.73
CA SER A 255 -2.95 22.45 -20.74
C SER A 255 -2.59 23.21 -22.02
N PHE A 256 -3.57 23.51 -22.89
CA PHE A 256 -3.36 24.09 -24.24
C PHE A 256 -4.57 24.95 -24.61
N PRO A 257 -4.33 26.00 -25.42
CA PRO A 257 -5.38 26.93 -25.80
C PRO A 257 -6.30 26.36 -26.90
N TRP B 7 4.96 -24.87 -25.35
CA TRP B 7 6.24 -25.40 -24.74
C TRP B 7 6.26 -26.93 -24.90
N ARG B 8 7.45 -27.53 -24.89
CA ARG B 8 7.69 -28.99 -25.10
C ARG B 8 8.86 -29.36 -24.19
N TYR B 9 9.02 -30.64 -23.82
CA TYR B 9 10.19 -31.14 -23.06
C TYR B 9 11.31 -31.46 -24.07
N GLY B 10 12.55 -31.00 -23.83
CA GLY B 10 13.71 -31.25 -24.71
C GLY B 10 13.72 -30.39 -25.97
N GLY B 11 12.54 -30.06 -26.54
CA GLY B 11 12.39 -29.25 -27.76
C GLY B 11 12.59 -27.76 -27.51
N ASP B 12 11.80 -26.92 -28.18
CA ASP B 12 11.89 -25.44 -28.06
C ASP B 12 10.49 -24.82 -28.22
N PRO B 13 10.22 -23.71 -27.53
CA PRO B 13 11.15 -22.60 -27.31
C PRO B 13 11.96 -22.72 -26.02
N PRO B 14 13.02 -21.97 -25.73
CA PRO B 14 13.48 -21.98 -24.36
C PRO B 14 12.34 -21.45 -23.47
N TRP B 15 12.20 -22.08 -22.31
CA TRP B 15 11.04 -21.88 -21.40
C TRP B 15 10.88 -20.41 -21.01
N PRO B 16 11.97 -19.68 -20.65
CA PRO B 16 11.84 -18.25 -20.33
C PRO B 16 11.26 -17.39 -21.47
N ARG B 17 11.41 -17.79 -22.74
CA ARG B 17 10.70 -17.14 -23.89
C ARG B 17 9.19 -17.40 -23.76
N VAL B 18 8.74 -18.62 -23.43
CA VAL B 18 7.29 -18.90 -23.19
C VAL B 18 6.83 -18.10 -21.97
N SER B 19 7.67 -18.06 -20.93
CA SER B 19 7.24 -17.79 -19.52
C SER B 19 8.42 -17.26 -18.71
N PRO B 20 8.74 -15.94 -18.81
CA PRO B 20 9.86 -15.33 -18.09
C PRO B 20 10.05 -15.71 -16.61
N ALA B 21 8.97 -16.06 -15.89
CA ALA B 21 9.04 -16.58 -14.50
C ALA B 21 9.98 -17.79 -14.44
N CYS B 22 10.04 -18.60 -15.51
CA CYS B 22 10.88 -19.84 -15.57
C CYS B 22 12.35 -19.46 -15.35
N ALA B 23 12.70 -18.17 -15.45
CA ALA B 23 14.07 -17.68 -15.18
C ALA B 23 14.12 -17.03 -13.80
N GLY B 24 13.18 -17.35 -12.91
CA GLY B 24 13.22 -16.90 -11.50
C GLY B 24 14.45 -17.42 -10.80
N ARG B 25 14.77 -16.90 -9.63
CA ARG B 25 15.96 -17.28 -8.81
C ARG B 25 15.70 -18.51 -7.94
N PHE B 26 14.47 -18.99 -7.86
CA PHE B 26 14.03 -19.95 -6.80
C PHE B 26 13.17 -21.00 -7.50
N GLN B 27 13.80 -21.69 -8.43
CA GLN B 27 13.08 -22.67 -9.28
C GLN B 27 13.27 -24.09 -8.71
N SER B 28 12.48 -25.00 -9.24
CA SER B 28 12.42 -26.44 -8.94
C SER B 28 12.42 -27.14 -10.29
N PRO B 29 12.90 -28.38 -10.45
CA PRO B 29 13.44 -29.17 -9.35
C PRO B 29 14.88 -28.77 -8.99
N VAL B 30 15.40 -29.40 -7.95
CA VAL B 30 16.74 -29.13 -7.39
C VAL B 30 17.42 -30.47 -7.16
N ASP B 31 18.74 -30.44 -7.03
CA ASP B 31 19.55 -31.58 -6.57
C ASP B 31 19.53 -31.57 -5.06
N ILE B 32 19.03 -32.64 -4.44
CA ILE B 32 19.12 -32.81 -2.96
C ILE B 32 20.46 -33.46 -2.65
N ARG B 33 21.23 -32.85 -1.74
CA ARG B 33 22.49 -33.39 -1.20
C ARG B 33 22.26 -33.57 0.30
N PRO B 34 21.82 -34.77 0.75
CA PRO B 34 21.37 -34.95 2.13
C PRO B 34 22.41 -34.53 3.16
N GLN B 35 23.70 -34.56 2.82
CA GLN B 35 24.81 -34.19 3.75
C GLN B 35 24.74 -32.68 4.05
N LEU B 36 24.18 -31.90 3.13
CA LEU B 36 24.11 -30.42 3.20
C LEU B 36 22.69 -29.96 3.57
N ALA B 37 21.74 -30.88 3.62
CA ALA B 37 20.37 -30.63 4.16
C ALA B 37 20.50 -30.29 5.65
N ALA B 38 19.58 -29.50 6.19
CA ALA B 38 19.57 -29.02 7.58
C ALA B 38 18.46 -29.73 8.35
N PHE B 39 18.82 -30.51 9.35
CA PHE B 39 17.85 -31.21 10.23
C PHE B 39 17.02 -30.13 10.92
N SER B 40 15.71 -30.07 10.72
CA SER B 40 14.87 -29.20 11.58
C SER B 40 13.84 -30.02 12.33
N PRO B 41 14.03 -30.23 13.65
CA PRO B 41 13.13 -31.09 14.41
C PRO B 41 11.70 -30.53 14.53
N ALA B 42 11.43 -29.36 13.95
CA ALA B 42 10.09 -28.74 13.92
C ALA B 42 9.23 -29.39 12.81
N LEU B 43 9.85 -30.06 11.84
CA LEU B 43 9.13 -30.71 10.72
C LEU B 43 8.38 -31.93 11.27
N ARG B 44 7.06 -31.82 11.38
CA ARG B 44 6.17 -32.81 12.05
C ARG B 44 5.86 -33.89 11.01
N PRO B 45 5.34 -35.08 11.38
CA PRO B 45 4.92 -36.03 10.34
C PRO B 45 3.74 -35.45 9.54
N LEU B 46 3.73 -35.73 8.24
CA LEU B 46 2.64 -35.34 7.31
C LEU B 46 1.33 -36.00 7.75
N GLU B 47 0.22 -35.30 7.62
CA GLU B 47 -1.13 -35.82 7.93
C GLU B 47 -1.93 -35.78 6.61
N LEU B 48 -2.36 -36.94 6.09
CA LEU B 48 -3.18 -37.06 4.84
C LEU B 48 -4.47 -37.78 5.22
N LEU B 49 -5.58 -37.05 5.30
CA LEU B 49 -6.94 -37.58 5.55
C LEU B 49 -7.81 -37.52 4.28
N GLY B 50 -8.63 -38.54 4.10
CA GLY B 50 -9.64 -38.63 3.01
C GLY B 50 -9.06 -39.17 1.73
N PHE B 51 -7.84 -39.73 1.78
CA PHE B 51 -7.09 -40.20 0.59
C PHE B 51 -7.59 -41.57 0.18
N GLN B 52 -8.33 -42.27 1.06
CA GLN B 52 -8.78 -43.66 0.81
C GLN B 52 -10.11 -43.59 0.03
N LEU B 53 -10.09 -43.37 -1.27
CA LEU B 53 -11.32 -43.09 -2.05
C LEU B 53 -12.10 -44.38 -2.27
N PRO B 54 -13.44 -44.34 -2.20
CA PRO B 54 -14.24 -45.52 -2.56
C PRO B 54 -14.12 -45.77 -4.06
N PRO B 55 -14.63 -46.91 -4.59
CA PRO B 55 -14.59 -47.17 -6.03
C PRO B 55 -15.41 -46.20 -6.92
N LEU B 56 -16.45 -45.58 -6.35
CA LEU B 56 -17.27 -44.53 -7.03
C LEU B 56 -17.45 -43.34 -6.10
N PRO B 57 -17.47 -42.10 -6.64
CA PRO B 57 -17.36 -41.84 -8.08
C PRO B 57 -16.02 -42.15 -8.76
N GLU B 58 -15.99 -42.17 -10.10
CA GLU B 58 -14.79 -42.46 -10.91
C GLU B 58 -13.94 -41.17 -11.00
N LEU B 59 -12.67 -41.31 -11.34
CA LEU B 59 -11.72 -40.17 -11.48
C LEU B 59 -11.29 -40.04 -12.94
N ARG B 60 -11.19 -38.80 -13.40
CA ARG B 60 -10.70 -38.46 -14.75
C ARG B 60 -9.19 -38.71 -14.79
N LEU B 61 -8.75 -39.48 -15.76
CA LEU B 61 -7.31 -39.72 -16.06
C LEU B 61 -7.03 -39.26 -17.50
N ARG B 62 -6.03 -38.40 -17.69
CA ARG B 62 -5.90 -37.58 -18.91
C ARG B 62 -4.45 -37.59 -19.41
N ASN B 63 -4.26 -37.92 -20.69
CA ASN B 63 -3.00 -37.66 -21.43
C ASN B 63 -3.07 -36.19 -21.88
N ASN B 64 -2.26 -35.32 -21.26
CA ASN B 64 -2.29 -33.86 -21.54
C ASN B 64 -1.07 -33.50 -22.41
N GLY B 65 -0.33 -34.50 -22.88
CA GLY B 65 0.84 -34.33 -23.76
C GLY B 65 2.11 -34.00 -23.00
N HIS B 66 2.01 -33.55 -21.75
CA HIS B 66 3.16 -33.25 -20.86
C HIS B 66 3.27 -34.30 -19.74
N SER B 67 2.16 -34.96 -19.41
CA SER B 67 2.07 -35.99 -18.34
C SER B 67 0.78 -36.76 -18.50
N VAL B 68 0.61 -37.75 -17.63
CA VAL B 68 -0.72 -38.33 -17.31
C VAL B 68 -1.11 -37.74 -15.95
N GLN B 69 -2.34 -37.24 -15.88
CA GLN B 69 -2.87 -36.46 -14.73
C GLN B 69 -4.17 -37.10 -14.29
N LEU B 70 -4.26 -37.44 -13.00
CA LEU B 70 -5.49 -37.93 -12.33
C LEU B 70 -6.13 -36.76 -11.57
N THR B 71 -7.36 -36.41 -11.89
CA THR B 71 -8.08 -35.35 -11.15
C THR B 71 -8.55 -35.95 -9.84
N LEU B 72 -8.18 -35.32 -8.73
CA LEU B 72 -8.65 -35.72 -7.38
C LEU B 72 -9.90 -34.94 -7.01
N PRO B 73 -10.87 -35.60 -6.33
CA PRO B 73 -12.09 -34.94 -5.89
C PRO B 73 -11.87 -34.12 -4.65
N PRO B 74 -12.89 -33.37 -4.22
CA PRO B 74 -12.83 -32.67 -2.95
C PRO B 74 -12.61 -33.75 -1.88
N GLY B 75 -12.11 -33.20 -0.55
CA GLY B 75 -12.08 -33.98 0.70
C GLY B 75 -10.76 -34.66 0.94
N LEU B 76 -9.73 -34.51 0.07
CA LEU B 76 -8.37 -34.95 0.42
C LEU B 76 -7.70 -33.79 1.15
N GLU B 77 -7.57 -33.92 2.47
CA GLU B 77 -6.99 -32.89 3.36
C GLU B 77 -5.58 -33.32 3.76
N MET B 78 -4.64 -32.37 3.72
CA MET B 78 -3.20 -32.58 4.02
C MET B 78 -2.73 -31.43 4.93
N ALA B 79 -1.89 -31.71 5.91
CA ALA B 79 -1.28 -30.67 6.76
C ALA B 79 0.25 -30.85 6.74
N LEU B 80 0.98 -29.76 6.47
CA LEU B 80 2.46 -29.69 6.55
C LEU B 80 2.88 -29.42 8.01
N GLY B 81 1.94 -28.98 8.84
CA GLY B 81 2.22 -28.57 10.20
C GLY B 81 0.95 -27.98 10.82
N PRO B 82 0.90 -27.64 12.27
CA PRO B 82 -0.34 -27.18 12.87
C PRO B 82 -0.88 -25.91 12.20
N GLY B 83 -2.11 -25.98 11.69
CA GLY B 83 -2.78 -24.82 11.05
C GLY B 83 -2.40 -24.63 9.60
N ARG B 84 -1.46 -25.41 9.07
CA ARG B 84 -0.94 -25.23 7.70
C ARG B 84 -1.53 -26.34 6.84
N GLU B 85 -2.80 -26.14 6.46
CA GLU B 85 -3.60 -27.16 5.76
C GLU B 85 -3.78 -26.87 4.28
N TYR B 86 -4.10 -27.96 3.56
CA TYR B 86 -4.08 -28.10 2.07
C TYR B 86 -5.17 -29.09 1.66
N ARG B 87 -5.65 -28.97 0.42
CA ARG B 87 -6.57 -29.93 -0.21
C ARG B 87 -5.93 -30.37 -1.52
N ALA B 88 -5.89 -31.68 -1.77
CA ALA B 88 -5.26 -32.27 -2.97
C ALA B 88 -6.13 -31.93 -4.19
N LEU B 89 -5.50 -31.57 -5.30
CA LEU B 89 -6.18 -31.19 -6.57
C LEU B 89 -5.99 -32.28 -7.62
N GLN B 90 -4.77 -32.78 -7.77
CA GLN B 90 -4.44 -33.71 -8.88
C GLN B 90 -3.09 -34.34 -8.58
N LEU B 91 -2.80 -35.41 -9.28
CA LEU B 91 -1.43 -35.96 -9.30
C LEU B 91 -1.08 -36.33 -10.73
N HIS B 92 0.21 -36.36 -10.99
CA HIS B 92 0.78 -36.68 -12.30
C HIS B 92 2.19 -37.23 -12.07
N LEU B 93 2.85 -37.63 -13.16
CA LEU B 93 4.13 -38.36 -13.10
C LEU B 93 5.11 -37.73 -14.11
N HIS B 94 6.39 -37.80 -13.78
CA HIS B 94 7.54 -37.52 -14.67
C HIS B 94 8.32 -38.83 -14.80
N TRP B 95 8.71 -39.20 -16.00
CA TRP B 95 9.50 -40.43 -16.23
C TRP B 95 10.52 -40.25 -17.35
N GLY B 96 11.30 -41.29 -17.65
CA GLY B 96 12.38 -41.24 -18.63
C GLY B 96 12.00 -41.90 -19.93
N ALA B 97 12.85 -42.79 -20.43
CA ALA B 97 12.58 -43.63 -21.62
C ALA B 97 13.35 -44.95 -21.46
N ALA B 98 13.05 -45.92 -22.34
CA ALA B 98 13.86 -47.13 -22.57
C ALA B 98 15.26 -46.89 -21.98
N GLY B 99 15.53 -47.41 -20.79
CA GLY B 99 16.88 -47.44 -20.16
C GLY B 99 17.45 -46.05 -19.86
N ARG B 100 16.61 -45.03 -19.66
CA ARG B 100 17.11 -43.77 -19.06
C ARG B 100 16.12 -43.23 -18.04
N PRO B 101 16.62 -42.75 -16.86
CA PRO B 101 15.77 -42.31 -15.76
C PRO B 101 15.19 -40.92 -16.08
N GLY B 102 14.03 -40.59 -15.52
CA GLY B 102 13.35 -39.32 -15.82
C GLY B 102 12.68 -38.69 -14.61
N SER B 103 13.20 -38.89 -13.41
CA SER B 103 12.77 -38.15 -12.20
C SER B 103 13.16 -36.69 -12.41
N GLU B 104 12.53 -35.76 -11.67
CA GLU B 104 12.80 -34.29 -11.72
C GLU B 104 13.81 -33.94 -10.64
N HIS B 105 13.49 -34.22 -9.38
CA HIS B 105 14.48 -34.12 -8.28
C HIS B 105 15.54 -35.22 -8.49
N THR B 106 16.75 -34.96 -8.02
CA THR B 106 17.93 -35.86 -8.07
C THR B 106 18.49 -35.87 -6.65
N VAL B 107 19.18 -36.95 -6.24
CA VAL B 107 19.87 -37.03 -4.93
C VAL B 107 21.34 -37.39 -5.15
N GLU B 108 22.22 -36.62 -4.49
CA GLU B 108 23.67 -36.55 -4.79
C GLU B 108 23.85 -36.85 -6.28
N GLY B 109 23.13 -36.12 -7.14
CA GLY B 109 23.29 -36.25 -8.61
C GLY B 109 22.53 -37.44 -9.18
N HIS B 110 22.14 -38.44 -8.38
CA HIS B 110 21.39 -39.63 -8.89
C HIS B 110 19.96 -39.26 -9.30
N ARG B 111 19.64 -39.48 -10.57
CA ARG B 111 18.26 -39.36 -11.12
C ARG B 111 17.61 -40.76 -11.07
N PHE B 112 16.38 -40.83 -10.59
CA PHE B 112 15.62 -42.09 -10.40
C PHE B 112 14.71 -42.35 -11.59
N PRO B 113 14.26 -43.59 -11.80
CA PRO B 113 13.43 -43.92 -12.96
C PRO B 113 12.28 -42.91 -13.21
N ALA B 114 11.49 -42.62 -12.18
CA ALA B 114 10.28 -41.76 -12.32
C ALA B 114 9.97 -41.08 -10.97
N GLU B 115 8.91 -40.30 -10.93
CA GLU B 115 8.61 -39.36 -9.81
C GLU B 115 7.14 -39.04 -9.86
N ILE B 116 6.44 -39.19 -8.73
CA ILE B 116 4.99 -38.83 -8.62
C ILE B 116 4.88 -37.48 -7.91
N HIS B 117 3.99 -36.62 -8.40
CA HIS B 117 3.71 -35.31 -7.79
C HIS B 117 2.25 -35.24 -7.45
N VAL B 118 1.95 -34.96 -6.18
CA VAL B 118 0.56 -34.72 -5.68
C VAL B 118 0.43 -33.24 -5.32
N VAL B 119 -0.39 -32.53 -6.08
CA VAL B 119 -0.44 -31.04 -6.07
C VAL B 119 -1.62 -30.65 -5.17
N HIS B 120 -1.35 -29.83 -4.15
CA HIS B 120 -2.35 -29.36 -3.17
C HIS B 120 -2.49 -27.82 -3.22
N LEU B 121 -3.67 -27.32 -2.84
CA LEU B 121 -3.97 -25.89 -2.68
C LEU B 121 -4.11 -25.56 -1.20
N SER B 122 -3.46 -24.50 -0.74
CA SER B 122 -3.67 -23.98 0.63
C SER B 122 -5.15 -23.69 0.80
N THR B 123 -5.73 -24.13 1.90
CA THR B 123 -7.14 -23.90 2.26
C THR B 123 -7.38 -22.39 2.32
N ALA B 124 -6.00 -21.46 2.66
CA ALA B 124 -6.24 -20.02 2.85
C ALA B 124 -6.62 -19.33 1.54
N PHE B 125 -6.69 -20.05 0.43
CA PHE B 125 -6.98 -19.54 -0.93
C PHE B 125 -8.14 -20.31 -1.51
N ALA B 126 -9.18 -19.63 -1.97
CA ALA B 126 -10.36 -20.28 -2.60
C ALA B 126 -9.95 -20.94 -3.91
N ARG B 127 -8.98 -20.41 -4.65
CA ARG B 127 -8.72 -20.74 -6.08
C ARG B 127 -7.22 -20.89 -6.32
N VAL B 128 -6.83 -21.80 -7.21
CA VAL B 128 -5.39 -22.04 -7.52
C VAL B 128 -4.79 -20.72 -8.03
N ASP B 129 -5.51 -19.97 -8.86
CA ASP B 129 -4.89 -18.80 -9.54
C ASP B 129 -4.58 -17.70 -8.53
N GLU B 130 -5.30 -17.60 -7.40
CA GLU B 130 -4.92 -16.71 -6.27
C GLU B 130 -3.67 -17.24 -5.57
N ALA B 131 -3.49 -18.55 -5.53
CA ALA B 131 -2.38 -19.21 -4.83
C ALA B 131 -1.08 -19.10 -5.62
N LEU B 132 -1.16 -19.07 -6.95
CA LEU B 132 0.07 -19.10 -7.80
C LEU B 132 0.92 -17.89 -7.45
N GLY B 133 2.19 -18.09 -7.14
CA GLY B 133 3.15 -17.02 -6.85
C GLY B 133 3.09 -16.56 -5.42
N ARG B 134 2.09 -16.93 -4.64
CA ARG B 134 2.06 -16.61 -3.19
C ARG B 134 2.81 -17.69 -2.43
N PRO B 135 3.50 -17.30 -1.33
CA PRO B 135 4.30 -18.24 -0.56
C PRO B 135 3.37 -19.25 0.16
N GLY B 136 3.57 -20.55 -0.13
CA GLY B 136 2.85 -21.67 0.51
C GLY B 136 1.47 -21.83 -0.09
N GLY B 137 1.23 -21.16 -1.21
CA GLY B 137 -0.10 -21.17 -1.86
C GLY B 137 -0.38 -22.57 -2.35
N LEU B 138 0.62 -23.14 -3.02
CA LEU B 138 0.63 -24.55 -3.46
C LEU B 138 1.70 -25.29 -2.68
N ALA B 139 1.42 -26.55 -2.40
CA ALA B 139 2.32 -27.57 -1.81
C ALA B 139 2.24 -28.85 -2.65
N VAL B 140 3.40 -29.41 -2.97
CA VAL B 140 3.50 -30.68 -3.74
C VAL B 140 4.19 -31.73 -2.85
N LEU B 141 3.56 -32.90 -2.71
CA LEU B 141 4.18 -34.14 -2.17
C LEU B 141 4.82 -34.86 -3.34
N ALA B 142 6.11 -35.08 -3.22
CA ALA B 142 6.92 -35.71 -4.28
C ALA B 142 7.55 -37.00 -3.75
N ALA B 143 7.43 -38.09 -4.51
CA ALA B 143 8.12 -39.37 -4.22
C ALA B 143 8.77 -39.95 -5.48
N PHE B 144 9.99 -40.46 -5.31
CA PHE B 144 10.75 -41.18 -6.36
C PHE B 144 10.19 -42.58 -6.55
N LEU B 145 9.93 -42.95 -7.79
CA LEU B 145 9.62 -44.31 -8.25
C LEU B 145 10.91 -44.98 -8.72
N GLU B 146 11.15 -46.18 -8.17
CA GLU B 146 12.38 -46.99 -8.31
C GLU B 146 12.00 -48.38 -8.83
N GLU B 147 12.96 -49.08 -9.43
CA GLU B 147 12.76 -50.48 -9.87
C GLU B 147 12.81 -51.45 -8.67
N GLY B 148 11.81 -52.31 -8.53
CA GLY B 148 11.81 -53.41 -7.53
C GLY B 148 11.27 -54.71 -8.12
N PRO B 149 11.40 -55.84 -7.37
CA PRO B 149 10.98 -57.14 -7.86
C PRO B 149 9.48 -57.39 -8.08
N GLU B 150 8.57 -56.69 -7.39
CA GLU B 150 7.11 -57.01 -7.47
C GLU B 150 6.31 -55.97 -8.27
N GLU B 151 5.35 -56.43 -9.07
CA GLU B 151 4.15 -55.68 -9.49
C GLU B 151 3.66 -54.86 -8.29
N ASN B 152 3.61 -53.53 -8.43
CA ASN B 152 3.01 -52.58 -7.47
C ASN B 152 1.49 -52.54 -7.72
N SER B 153 0.68 -52.88 -6.72
CA SER B 153 -0.79 -53.02 -6.87
C SER B 153 -1.44 -51.63 -7.08
N ALA B 154 -1.03 -50.64 -6.29
CA ALA B 154 -1.59 -49.29 -6.33
C ALA B 154 -1.34 -48.71 -7.73
N TYR B 155 -0.08 -48.76 -8.18
CA TYR B 155 0.32 -48.16 -9.48
C TYR B 155 -0.34 -48.91 -10.64
N GLU B 156 -0.49 -50.24 -10.55
CA GLU B 156 -1.14 -51.06 -11.61
C GLU B 156 -2.49 -50.46 -12.01
N GLN B 157 -3.23 -49.90 -11.04
CA GLN B 157 -4.55 -49.28 -11.26
C GLN B 157 -4.50 -48.17 -12.31
N LEU B 158 -3.38 -47.42 -12.38
CA LEU B 158 -3.20 -46.32 -13.36
C LEU B 158 -2.51 -46.87 -14.60
N LEU B 159 -1.42 -47.62 -14.41
CA LEU B 159 -0.56 -48.06 -15.55
C LEU B 159 -1.36 -48.93 -16.53
N SER B 160 -2.32 -49.70 -16.02
CA SER B 160 -3.20 -50.58 -16.84
C SER B 160 -4.10 -49.74 -17.75
N ARG B 161 -4.33 -48.47 -17.43
CA ARG B 161 -5.35 -47.65 -18.12
C ARG B 161 -4.66 -46.71 -19.13
N LEU B 162 -3.32 -46.72 -19.19
CA LEU B 162 -2.57 -45.79 -20.07
C LEU B 162 -2.75 -46.17 -21.54
N GLU B 163 -3.09 -47.43 -21.81
CA GLU B 163 -3.36 -47.94 -23.18
C GLU B 163 -4.50 -47.10 -23.76
N GLU B 164 -5.58 -46.99 -23.00
CA GLU B 164 -6.85 -46.33 -23.38
C GLU B 164 -6.68 -44.85 -23.71
N ILE B 165 -5.56 -44.22 -23.32
CA ILE B 165 -5.39 -42.73 -23.44
C ILE B 165 -4.00 -42.43 -24.05
N ALA B 166 -3.50 -43.24 -24.98
CA ALA B 166 -2.11 -43.09 -25.51
C ALA B 166 -2.02 -41.85 -26.41
N GLU B 167 -3.11 -41.50 -27.09
CA GLU B 167 -3.18 -40.34 -28.01
C GLU B 167 -3.13 -39.09 -27.13
N GLU B 168 -2.17 -38.20 -27.36
CA GLU B 168 -2.18 -36.85 -26.71
C GLU B 168 -3.62 -36.34 -26.66
N GLY B 169 -4.06 -35.77 -25.53
CA GLY B 169 -5.39 -35.13 -25.38
C GLY B 169 -6.49 -36.06 -24.93
N SER B 170 -6.31 -37.38 -25.06
CA SER B 170 -7.35 -38.39 -24.71
C SER B 170 -7.44 -38.53 -23.20
N GLU B 171 -8.62 -38.93 -22.73
CA GLU B 171 -8.88 -39.10 -21.27
C GLU B 171 -9.79 -40.32 -21.06
N THR B 172 -9.84 -40.83 -19.84
CA THR B 172 -10.69 -41.99 -19.45
C THR B 172 -11.10 -41.83 -17.98
N GLN B 173 -12.28 -42.34 -17.61
CA GLN B 173 -12.71 -42.46 -16.19
C GLN B 173 -12.09 -43.74 -15.61
N VAL B 174 -11.67 -43.70 -14.34
CA VAL B 174 -11.11 -44.90 -13.66
C VAL B 174 -11.79 -45.03 -12.31
N PRO B 175 -11.88 -46.25 -11.74
CA PRO B 175 -12.48 -46.44 -10.41
C PRO B 175 -11.67 -45.69 -9.33
N GLY B 176 -12.34 -45.26 -8.26
CA GLY B 176 -11.67 -44.73 -7.05
C GLY B 176 -10.54 -45.66 -6.62
N LEU B 177 -9.47 -45.08 -6.08
CA LEU B 177 -8.36 -45.85 -5.48
C LEU B 177 -7.87 -45.14 -4.23
N ASP B 178 -7.15 -45.87 -3.38
CA ASP B 178 -6.45 -45.30 -2.21
C ASP B 178 -5.23 -44.52 -2.72
N ILE B 179 -5.35 -43.20 -2.75
CA ILE B 179 -4.26 -42.30 -3.23
C ILE B 179 -3.08 -42.43 -2.24
N SER B 180 -3.34 -42.59 -0.93
CA SER B 180 -2.24 -42.66 0.06
C SER B 180 -1.37 -43.91 -0.21
N ALA B 181 -1.92 -44.91 -0.90
CA ALA B 181 -1.23 -46.16 -1.27
C ALA B 181 -0.14 -45.92 -2.34
N LEU B 182 -0.11 -44.78 -3.04
CA LEU B 182 0.92 -44.47 -4.07
C LEU B 182 2.16 -43.83 -3.46
N LEU B 183 2.19 -43.67 -2.14
CA LEU B 183 3.23 -42.90 -1.43
C LEU B 183 4.03 -43.80 -0.50
N PRO B 184 5.28 -43.43 -0.15
CA PRO B 184 6.14 -44.21 0.75
C PRO B 184 5.59 -44.55 2.16
N SER B 185 6.30 -45.37 2.92
CA SER B 185 5.76 -45.92 4.20
C SER B 185 5.83 -44.87 5.28
N ASP B 186 6.94 -44.15 5.38
CA ASP B 186 7.23 -43.26 6.53
C ASP B 186 6.95 -41.79 6.16
N PHE B 187 5.84 -41.27 6.68
CA PHE B 187 5.36 -39.88 6.48
C PHE B 187 6.09 -38.90 7.41
N SER B 188 7.04 -39.39 8.22
CA SER B 188 7.79 -38.56 9.19
C SER B 188 9.18 -38.18 8.62
N ARG B 189 9.50 -38.63 7.39
CA ARG B 189 10.86 -38.65 6.82
C ARG B 189 10.86 -38.04 5.41
N TYR B 190 11.27 -36.78 5.32
CA TYR B 190 11.17 -35.99 4.08
C TYR B 190 12.15 -34.81 4.08
N PHE B 191 12.47 -34.39 2.87
CA PHE B 191 13.12 -33.08 2.54
C PHE B 191 12.03 -32.04 2.21
N GLN B 192 12.27 -30.79 2.60
CA GLN B 192 11.34 -29.65 2.36
C GLN B 192 12.16 -28.39 2.03
N TYR B 193 11.79 -27.72 0.96
CA TYR B 193 12.34 -26.42 0.50
C TYR B 193 11.23 -25.72 -0.29
N GLU B 194 11.38 -24.42 -0.54
CA GLU B 194 10.38 -23.62 -1.29
C GLU B 194 10.92 -23.34 -2.69
N GLY B 195 10.11 -23.53 -3.72
CA GLY B 195 10.52 -23.50 -5.13
C GLY B 195 9.38 -23.08 -6.06
N SER B 196 9.27 -23.72 -7.23
CA SER B 196 8.36 -23.31 -8.34
C SER B 196 7.59 -24.50 -8.86
N LEU B 197 6.58 -24.26 -9.68
CA LEU B 197 6.18 -25.23 -10.73
C LEU B 197 7.44 -25.62 -11.53
N THR B 198 7.52 -26.89 -11.98
CA THR B 198 8.60 -27.46 -12.82
C THR B 198 8.11 -27.48 -14.27
N THR B 199 6.89 -26.98 -14.51
CA THR B 199 6.37 -26.67 -15.85
C THR B 199 6.11 -25.17 -15.90
N PRO B 200 6.11 -24.56 -17.10
CA PRO B 200 5.49 -23.25 -17.24
C PRO B 200 4.12 -23.32 -16.61
N PRO B 201 3.61 -22.24 -15.96
CA PRO B 201 4.32 -20.95 -15.91
C PRO B 201 5.40 -20.70 -14.85
N CYS B 202 5.94 -21.73 -14.22
CA CYS B 202 7.13 -21.66 -13.31
C CYS B 202 6.93 -20.71 -12.12
N ALA B 203 5.69 -20.58 -11.63
CA ALA B 203 5.28 -19.73 -10.49
C ALA B 203 6.02 -20.21 -9.24
N GLN B 204 6.61 -19.30 -8.48
CA GLN B 204 7.36 -19.63 -7.23
C GLN B 204 6.39 -19.53 -6.05
N GLY B 205 6.88 -19.79 -4.84
CA GLY B 205 6.05 -19.93 -3.62
C GLY B 205 5.63 -21.38 -3.31
N VAL B 206 5.95 -22.35 -4.17
CA VAL B 206 5.53 -23.77 -4.00
C VAL B 206 6.36 -24.41 -2.89
N ILE B 207 5.73 -24.94 -1.85
CA ILE B 207 6.44 -25.76 -0.82
C ILE B 207 6.58 -27.18 -1.36
N TRP B 208 7.82 -27.63 -1.55
CA TRP B 208 8.18 -29.01 -2.01
C TRP B 208 8.52 -29.86 -0.80
N THR B 209 7.83 -30.99 -0.65
CA THR B 209 8.11 -32.05 0.36
C THR B 209 8.52 -33.30 -0.43
N VAL B 210 9.80 -33.69 -0.36
CA VAL B 210 10.28 -34.89 -1.10
C VAL B 210 10.55 -36.00 -0.07
N PHE B 211 9.79 -37.09 -0.14
CA PHE B 211 9.90 -38.23 0.81
C PHE B 211 11.32 -38.80 0.73
N ASN B 212 11.96 -39.12 1.88
CA ASN B 212 13.28 -39.79 1.91
C ASN B 212 13.13 -41.13 1.19
N GLN B 213 12.10 -41.90 1.54
CA GLN B 213 11.90 -43.27 1.04
C GLN B 213 11.30 -43.24 -0.36
N THR B 214 11.58 -44.28 -1.14
CA THR B 214 11.09 -44.47 -2.52
C THR B 214 9.88 -45.41 -2.54
N VAL B 215 9.31 -45.56 -3.72
CA VAL B 215 8.26 -46.57 -3.98
C VAL B 215 8.82 -47.45 -5.10
N MET B 216 8.53 -48.75 -5.07
CA MET B 216 9.06 -49.73 -6.06
C MET B 216 7.95 -50.14 -7.03
N LEU B 217 8.27 -50.08 -8.32
CA LEU B 217 7.44 -50.58 -9.45
C LEU B 217 8.22 -51.68 -10.17
N SER B 218 7.53 -52.62 -10.83
CA SER B 218 8.22 -53.70 -11.60
C SER B 218 8.83 -53.04 -12.83
N ALA B 219 9.94 -53.58 -13.32
CA ALA B 219 10.59 -53.02 -14.52
C ALA B 219 9.58 -53.06 -15.68
N LYS B 220 8.63 -54.01 -15.66
CA LYS B 220 7.55 -54.08 -16.69
C LYS B 220 6.74 -52.78 -16.62
N GLN B 221 6.35 -52.41 -15.40
CA GLN B 221 5.47 -51.26 -15.07
C GLN B 221 6.13 -49.93 -15.51
N LEU B 222 7.41 -49.74 -15.18
CA LEU B 222 8.19 -48.56 -15.62
C LEU B 222 8.19 -48.52 -17.15
N HIS B 223 8.45 -49.67 -17.80
CA HIS B 223 8.36 -49.79 -19.28
C HIS B 223 6.98 -49.28 -19.73
N THR B 224 5.88 -49.82 -19.19
CA THR B 224 4.50 -49.35 -19.50
C THR B 224 4.41 -47.81 -19.41
N LEU B 225 4.92 -47.22 -18.32
CA LEU B 225 4.79 -45.77 -18.04
C LEU B 225 5.38 -44.96 -19.18
N SER B 226 6.57 -45.33 -19.66
CA SER B 226 7.34 -44.55 -20.67
C SER B 226 7.06 -45.00 -22.11
N ASP B 227 6.68 -46.25 -22.31
CA ASP B 227 6.56 -46.81 -23.69
C ASP B 227 5.15 -46.62 -24.25
N THR B 228 4.17 -46.13 -23.48
CA THR B 228 2.74 -46.20 -23.87
C THR B 228 2.14 -44.88 -24.39
N LEU B 229 2.58 -43.72 -23.89
CA LEU B 229 1.86 -42.45 -24.17
C LEU B 229 2.53 -41.69 -25.33
N TRP B 230 1.71 -40.96 -26.10
CA TRP B 230 2.12 -40.12 -27.26
C TRP B 230 1.94 -38.62 -26.95
N GLY B 231 2.98 -37.84 -27.26
CA GLY B 231 3.20 -36.45 -26.78
C GLY B 231 2.77 -35.37 -27.77
N PRO B 232 3.45 -34.23 -27.75
CA PRO B 232 3.08 -33.19 -28.69
C PRO B 232 3.53 -33.69 -30.07
N GLY B 233 2.61 -33.68 -31.04
CA GLY B 233 2.89 -34.12 -32.43
C GLY B 233 3.09 -35.62 -32.56
N ASP B 234 3.57 -36.09 -33.71
CA ASP B 234 3.83 -37.54 -33.77
C ASP B 234 5.19 -37.75 -33.08
N SER B 235 5.18 -37.97 -31.76
CA SER B 235 6.38 -38.23 -30.90
C SER B 235 5.98 -38.83 -29.55
N ARG B 236 6.85 -39.65 -28.97
CA ARG B 236 6.55 -40.41 -27.72
C ARG B 236 6.56 -39.44 -26.53
N LEU B 237 5.62 -39.59 -25.60
CA LEU B 237 5.61 -38.79 -24.35
C LEU B 237 6.60 -39.44 -23.38
N GLN B 238 7.82 -38.90 -23.37
CA GLN B 238 8.98 -39.44 -22.62
C GLN B 238 9.91 -38.33 -22.14
N LEU B 239 10.73 -38.63 -21.15
CA LEU B 239 11.75 -37.70 -20.59
C LEU B 239 11.11 -36.34 -20.29
N ASN B 240 9.89 -36.35 -19.72
CA ASN B 240 9.06 -35.18 -19.32
C ASN B 240 9.53 -34.68 -17.94
N PHE B 241 10.82 -34.33 -17.83
CA PHE B 241 11.39 -33.75 -16.60
C PHE B 241 12.15 -32.48 -16.96
N ARG B 242 12.23 -31.59 -15.99
CA ARG B 242 12.97 -30.31 -16.08
C ARG B 242 14.31 -30.54 -15.41
N ALA B 243 15.36 -29.91 -15.91
CA ALA B 243 16.74 -30.01 -15.40
C ALA B 243 16.79 -29.40 -14.00
N THR B 244 17.66 -29.94 -13.16
CA THR B 244 17.99 -29.42 -11.81
C THR B 244 18.25 -27.90 -11.92
N GLN B 245 17.99 -27.18 -10.84
CA GLN B 245 17.95 -25.70 -10.80
C GLN B 245 18.78 -25.26 -9.60
N PRO B 246 19.54 -24.16 -9.72
CA PRO B 246 20.37 -23.68 -8.60
C PRO B 246 19.58 -23.32 -7.33
N LEU B 247 20.04 -23.79 -6.18
CA LEU B 247 19.39 -23.47 -4.88
C LEU B 247 19.44 -21.96 -4.64
N ASN B 248 20.50 -21.30 -5.12
CA ASN B 248 20.74 -19.84 -4.95
C ASN B 248 20.55 -19.43 -3.48
N GLY B 249 21.14 -20.19 -2.55
CA GLY B 249 21.20 -19.83 -1.12
C GLY B 249 20.18 -20.55 -0.26
N ARG B 250 19.14 -21.11 -0.91
CA ARG B 250 18.11 -21.95 -0.24
C ARG B 250 18.80 -23.14 0.44
N VAL B 251 18.45 -23.38 1.69
CA VAL B 251 18.94 -24.55 2.48
C VAL B 251 17.82 -25.60 2.51
N ILE B 252 18.01 -26.74 1.87
CA ILE B 252 17.03 -27.87 1.91
C ILE B 252 17.00 -28.39 3.34
N GLU B 253 15.82 -28.41 3.95
CA GLU B 253 15.64 -28.93 5.33
C GLU B 253 15.28 -30.42 5.25
N ALA B 254 15.56 -31.16 6.32
CA ALA B 254 15.17 -32.58 6.50
C ALA B 254 14.45 -32.76 7.84
N SER B 255 13.42 -33.61 7.84
CA SER B 255 12.61 -33.97 9.04
C SER B 255 13.38 -34.94 9.95
N PHE B 256 14.57 -35.39 9.55
CA PHE B 256 15.31 -36.47 10.25
C PHE B 256 16.80 -36.20 10.22
N PRO B 257 17.52 -36.60 11.30
CA PRO B 257 18.95 -36.34 11.42
C PRO B 257 19.79 -37.30 10.56
N TRP C 7 11.24 28.08 19.13
CA TRP C 7 11.78 28.78 17.91
C TRP C 7 11.51 30.30 18.02
N ARG C 8 12.31 31.06 17.28
CA ARG C 8 12.27 32.55 17.22
C ARG C 8 12.55 32.99 15.78
N TYR C 9 12.15 34.22 15.45
CA TYR C 9 12.51 34.93 14.19
C TYR C 9 13.94 35.48 14.29
N GLY C 10 14.82 35.12 13.33
CA GLY C 10 16.28 35.38 13.41
C GLY C 10 16.84 34.95 14.76
N GLY C 11 16.59 33.69 15.17
CA GLY C 11 17.03 33.09 16.44
C GLY C 11 18.07 32.00 16.22
N ASP C 12 18.90 32.22 15.20
CA ASP C 12 20.04 31.37 14.72
C ASP C 12 20.71 30.64 15.88
N PRO C 13 20.82 29.29 15.89
CA PRO C 13 20.55 28.46 14.71
C PRO C 13 19.08 28.65 14.28
N PRO C 14 18.87 28.62 12.84
CA PRO C 14 17.98 28.36 11.70
C PRO C 14 16.94 27.29 12.04
N TRP C 15 15.81 27.35 11.34
CA TRP C 15 14.60 26.53 11.61
C TRP C 15 14.81 25.06 11.26
N PRO C 16 15.45 24.70 10.12
CA PRO C 16 15.61 23.28 9.75
C PRO C 16 16.09 22.28 10.82
N ARG C 17 16.70 22.74 11.92
CA ARG C 17 17.13 21.86 13.05
C ARG C 17 15.95 21.59 13.99
N VAL C 18 15.34 22.63 14.55
CA VAL C 18 14.00 22.59 15.19
C VAL C 18 13.04 21.72 14.36
N SER C 19 13.00 21.90 13.02
CA SER C 19 11.98 21.27 12.14
C SER C 19 12.47 21.13 10.70
N PRO C 20 12.96 19.94 10.28
CA PRO C 20 13.59 19.78 8.96
C PRO C 20 12.64 19.85 7.75
N ALA C 21 11.32 19.87 7.99
CA ALA C 21 10.32 20.21 6.95
C ALA C 21 10.52 21.66 6.47
N CYS C 22 11.16 22.50 7.29
CA CYS C 22 11.46 23.91 6.95
C CYS C 22 12.44 23.98 5.79
N ALA C 23 13.18 22.91 5.51
CA ALA C 23 14.06 22.78 4.32
C ALA C 23 13.40 22.01 3.19
N GLY C 24 12.07 21.91 3.14
CA GLY C 24 11.33 21.30 2.00
C GLY C 24 11.50 22.13 0.73
N ARG C 25 11.17 21.56 -0.42
CA ARG C 25 11.31 22.24 -1.72
C ARG C 25 10.20 23.27 -1.97
N PHE C 26 9.03 23.12 -1.35
CA PHE C 26 7.82 23.91 -1.68
C PHE C 26 7.29 24.67 -0.46
N GLN C 27 8.10 25.64 -0.04
CA GLN C 27 7.87 26.46 1.17
C GLN C 27 7.22 27.81 0.82
N SER C 28 6.76 28.45 1.89
CA SER C 28 6.12 29.77 1.90
C SER C 28 6.82 30.66 2.93
N PRO C 29 6.89 31.98 2.77
CA PRO C 29 6.30 32.70 1.62
C PRO C 29 7.16 32.77 0.36
N VAL C 30 6.62 33.41 -0.69
CA VAL C 30 7.31 33.58 -2.01
C VAL C 30 7.18 35.03 -2.50
N ASP C 31 8.03 35.39 -3.47
CA ASP C 31 7.89 36.66 -4.21
C ASP C 31 6.91 36.45 -5.36
N ILE C 32 5.81 37.21 -5.38
CA ILE C 32 4.78 37.16 -6.46
C ILE C 32 5.27 38.08 -7.58
N ARG C 33 5.37 37.57 -8.80
CA ARG C 33 5.70 38.36 -10.00
C ARG C 33 4.52 38.28 -10.94
N PRO C 34 3.61 39.29 -10.87
CA PRO C 34 2.32 39.16 -11.55
C PRO C 34 2.49 38.80 -13.02
N GLN C 35 3.51 39.33 -13.70
CA GLN C 35 3.70 39.08 -15.14
C GLN C 35 3.93 37.60 -15.42
N LEU C 36 4.39 36.82 -14.44
CA LEU C 36 4.77 35.41 -14.67
C LEU C 36 3.71 34.48 -14.10
N ALA C 37 2.65 35.07 -13.57
CA ALA C 37 1.50 34.36 -13.00
C ALA C 37 0.70 33.72 -14.15
N ALA C 38 0.14 32.53 -13.97
CA ALA C 38 -0.71 31.90 -15.00
C ALA C 38 -2.17 32.28 -14.73
N PHE C 39 -2.80 32.95 -15.68
CA PHE C 39 -4.24 33.27 -15.65
C PHE C 39 -5.01 31.98 -15.85
N SER C 40 -5.87 31.57 -14.91
CA SER C 40 -6.86 30.51 -15.20
C SER C 40 -8.25 31.02 -14.90
N PRO C 41 -9.09 31.10 -15.96
CA PRO C 41 -10.49 31.46 -15.81
C PRO C 41 -11.26 30.47 -14.92
N ALA C 42 -10.68 29.32 -14.59
CA ALA C 42 -11.31 28.35 -13.64
C ALA C 42 -11.30 28.90 -12.20
N LEU C 43 -10.40 29.80 -11.82
CA LEU C 43 -10.41 30.35 -10.45
C LEU C 43 -11.62 31.28 -10.29
N ARG C 44 -12.63 30.87 -9.53
CA ARG C 44 -13.88 31.67 -9.36
C ARG C 44 -13.73 32.57 -8.14
N PRO C 45 -14.63 33.56 -7.95
CA PRO C 45 -14.62 34.40 -6.76
C PRO C 45 -14.68 33.57 -5.46
N LEU C 46 -13.87 33.96 -4.46
CA LEU C 46 -13.92 33.34 -3.11
C LEU C 46 -15.34 33.48 -2.54
N GLU C 47 -15.86 32.42 -1.94
CA GLU C 47 -17.12 32.46 -1.17
C GLU C 47 -16.77 32.36 0.33
N LEU C 48 -17.15 33.40 1.10
CA LEU C 48 -16.94 33.53 2.57
C LEU C 48 -18.30 33.81 3.22
N LEU C 49 -18.90 32.79 3.85
CA LEU C 49 -20.24 32.87 4.49
C LEU C 49 -20.05 32.68 5.98
N GLY C 50 -20.77 33.45 6.79
CA GLY C 50 -20.78 33.28 8.25
C GLY C 50 -19.71 34.12 8.91
N PHE C 51 -19.10 35.05 8.17
CA PHE C 51 -17.96 35.85 8.67
C PHE C 51 -18.48 37.07 9.42
N GLN C 52 -19.77 37.42 9.28
CA GLN C 52 -20.32 38.64 9.95
C GLN C 52 -20.71 38.27 11.39
N LEU C 53 -19.76 38.28 12.32
CA LEU C 53 -20.04 37.78 13.71
C LEU C 53 -20.81 38.83 14.52
N PRO C 54 -21.74 38.39 15.39
CA PRO C 54 -22.46 39.30 16.30
C PRO C 54 -21.52 39.70 17.41
N PRO C 55 -21.84 40.73 18.24
CA PRO C 55 -20.95 41.19 19.30
C PRO C 55 -20.71 40.14 20.39
N LEU C 56 -21.66 39.21 20.53
CA LEU C 56 -21.60 38.13 21.53
C LEU C 56 -21.89 36.80 20.83
N PRO C 57 -21.12 35.71 21.08
CA PRO C 57 -20.03 35.69 22.07
C PRO C 57 -18.74 36.45 21.71
N GLU C 58 -17.92 36.70 22.73
CA GLU C 58 -16.57 37.31 22.61
C GLU C 58 -15.60 36.27 22.02
N LEU C 59 -14.44 36.75 21.53
CA LEU C 59 -13.41 35.94 20.83
C LEU C 59 -12.10 36.10 21.60
N ARG C 60 -11.35 35.02 21.75
CA ARG C 60 -10.01 35.06 22.38
C ARG C 60 -9.02 35.75 21.44
N LEU C 61 -8.34 36.78 21.94
CA LEU C 61 -7.23 37.48 21.26
C LEU C 61 -6.00 37.26 22.12
N ARG C 62 -4.91 36.79 21.56
CA ARG C 62 -3.82 36.28 22.40
C ARG C 62 -2.49 36.67 21.78
N ASN C 63 -1.55 37.04 22.62
CA ASN C 63 -0.15 37.29 22.20
C ASN C 63 0.55 35.97 22.50
N ASN C 64 0.89 35.21 21.46
CA ASN C 64 1.59 33.92 21.63
C ASN C 64 3.11 34.15 21.53
N GLY C 65 3.59 35.39 21.48
CA GLY C 65 5.03 35.72 21.34
C GLY C 65 5.58 35.56 19.92
N HIS C 66 4.79 35.05 18.96
CA HIS C 66 5.12 34.98 17.51
C HIS C 66 4.16 35.89 16.71
N SER C 67 2.97 36.13 17.23
CA SER C 67 1.97 37.00 16.57
C SER C 67 0.88 37.36 17.60
N VAL C 68 -0.08 38.18 17.18
CA VAL C 68 -1.40 38.30 17.86
C VAL C 68 -2.33 37.40 17.05
N GLN C 69 -3.05 36.51 17.74
CA GLN C 69 -3.92 35.51 17.12
C GLN C 69 -5.34 35.69 17.66
N LEU C 70 -6.31 35.84 16.74
CA LEU C 70 -7.75 35.80 17.05
C LEU C 70 -8.29 34.40 16.74
N THR C 71 -8.84 33.75 17.75
CA THR C 71 -9.49 32.44 17.63
C THR C 71 -10.86 32.68 17.01
N LEU C 72 -11.20 31.94 15.97
CA LEU C 72 -12.48 32.14 15.26
C LEU C 72 -13.43 31.03 15.67
N PRO C 73 -14.72 31.31 15.81
CA PRO C 73 -15.65 30.27 16.24
C PRO C 73 -16.00 29.38 15.06
N PRO C 74 -16.75 28.28 15.33
CA PRO C 74 -17.35 27.48 14.28
C PRO C 74 -18.28 28.39 13.49
N GLY C 75 -18.47 27.86 12.03
CA GLY C 75 -19.52 28.42 11.18
C GLY C 75 -19.01 29.43 10.18
N LEU C 76 -17.71 29.71 10.16
CA LEU C 76 -17.09 30.60 9.13
C LEU C 76 -16.71 29.71 7.95
N GLU C 77 -17.57 29.64 6.94
CA GLU C 77 -17.42 28.71 5.80
C GLU C 77 -16.81 29.50 4.66
N MET C 78 -15.84 28.86 4.00
CA MET C 78 -15.07 29.39 2.84
C MET C 78 -14.93 28.29 1.77
N ALA C 79 -15.09 28.64 0.49
CA ALA C 79 -14.83 27.79 -0.69
C ALA C 79 -13.84 28.45 -1.65
N LEU C 80 -12.85 27.67 -2.08
CA LEU C 80 -11.90 28.03 -3.16
C LEU C 80 -12.45 27.61 -4.52
N GLY C 81 -13.40 26.71 -4.54
CA GLY C 81 -14.07 26.28 -5.77
C GLY C 81 -15.22 25.39 -5.39
N PRO C 82 -15.99 24.73 -6.55
CA PRO C 82 -17.12 23.90 -6.27
C PRO C 82 -16.70 22.65 -5.51
N GLY C 83 -17.38 22.37 -4.41
CA GLY C 83 -17.04 21.22 -3.55
C GLY C 83 -15.70 21.35 -2.83
N ARG C 84 -15.00 22.48 -2.90
CA ARG C 84 -13.71 22.63 -2.18
C ARG C 84 -13.89 23.59 -1.01
N GLU C 85 -14.34 23.05 0.12
CA GLU C 85 -14.75 23.87 1.28
C GLU C 85 -13.79 23.70 2.48
N TYR C 86 -13.84 24.73 3.31
CA TYR C 86 -12.95 25.07 4.44
C TYR C 86 -13.79 25.71 5.56
N ARG C 87 -13.27 25.66 6.78
CA ARG C 87 -13.77 26.39 7.96
C ARG C 87 -12.61 27.17 8.54
N ALA C 88 -12.83 28.44 8.84
CA ALA C 88 -11.82 29.33 9.45
C ALA C 88 -11.58 28.90 10.91
N LEU C 89 -10.31 28.84 11.31
CA LEU C 89 -9.90 28.45 12.67
C LEU C 89 -9.43 29.68 13.43
N GLN C 90 -8.57 30.50 12.81
CA GLN C 90 -7.91 31.68 13.42
C GLN C 90 -7.44 32.65 12.34
N LEU C 91 -7.14 33.87 12.71
CA LEU C 91 -6.37 34.82 11.88
C LEU C 91 -5.27 35.38 12.77
N HIS C 92 -4.19 35.86 12.18
CA HIS C 92 -3.02 36.39 12.89
C HIS C 92 -2.32 37.37 11.94
N LEU C 93 -1.35 38.14 12.42
CA LEU C 93 -0.71 39.18 11.58
C LEU C 93 0.81 38.97 11.57
N HIS C 94 1.43 39.49 10.52
CA HIS C 94 2.90 39.57 10.36
C HIS C 94 3.14 41.04 10.08
N TRP C 95 4.22 41.62 10.63
CA TRP C 95 4.47 43.08 10.63
C TRP C 95 5.93 43.39 10.89
N GLY C 96 6.32 44.64 10.61
CA GLY C 96 7.71 45.10 10.64
C GLY C 96 8.08 45.76 11.97
N ALA C 97 8.69 46.93 11.89
CA ALA C 97 9.09 47.73 13.07
C ALA C 97 8.90 49.20 12.71
N ALA C 98 9.45 50.10 13.52
CA ALA C 98 9.69 51.52 13.18
C ALA C 98 10.12 51.64 11.72
N GLY C 99 9.17 51.99 10.83
CA GLY C 99 9.35 52.14 9.37
C GLY C 99 10.29 51.08 8.78
N ARG C 100 10.07 49.80 9.09
CA ARG C 100 10.63 48.66 8.31
C ARG C 100 9.42 47.77 8.00
N PRO C 101 9.10 47.48 6.71
CA PRO C 101 7.88 46.73 6.37
C PRO C 101 8.04 45.26 6.77
N GLY C 102 6.91 44.58 7.03
CA GLY C 102 6.91 43.23 7.63
C GLY C 102 5.91 42.24 7.06
N SER C 103 5.49 42.39 5.80
CA SER C 103 4.65 41.38 5.13
C SER C 103 5.53 40.15 4.88
N GLU C 104 4.93 38.98 4.68
CA GLU C 104 5.67 37.73 4.39
C GLU C 104 5.79 37.57 2.87
N HIS C 105 4.67 37.60 2.14
CA HIS C 105 4.74 37.65 0.65
C HIS C 105 5.25 39.04 0.24
N THR C 106 6.04 39.08 -0.83
CA THR C 106 6.46 40.29 -1.54
C THR C 106 5.80 40.30 -2.93
N VAL C 107 5.70 41.47 -3.55
CA VAL C 107 5.23 41.60 -4.95
C VAL C 107 6.32 42.33 -5.71
N GLU C 108 6.96 41.63 -6.63
CA GLU C 108 8.09 42.13 -7.43
C GLU C 108 9.12 42.73 -6.49
N GLY C 109 9.38 42.11 -5.34
CA GLY C 109 10.38 42.58 -4.35
C GLY C 109 9.81 43.59 -3.37
N HIS C 110 8.67 44.22 -3.66
CA HIS C 110 8.05 45.16 -2.68
C HIS C 110 7.61 44.36 -1.45
N ARG C 111 8.18 44.68 -0.27
CA ARG C 111 7.61 44.25 1.04
C ARG C 111 6.59 45.29 1.52
N PHE C 112 5.41 44.82 1.89
CA PHE C 112 4.31 45.67 2.42
C PHE C 112 4.49 45.80 3.92
N PRO C 113 3.89 46.85 4.53
CA PRO C 113 3.98 47.05 5.98
C PRO C 113 3.57 45.82 6.82
N ALA C 114 2.47 45.16 6.48
CA ALA C 114 1.95 44.01 7.26
C ALA C 114 1.09 43.09 6.38
N GLU C 115 0.71 41.95 6.95
CA GLU C 115 0.01 40.87 6.21
C GLU C 115 -0.92 40.18 7.19
N ILE C 116 -2.17 40.00 6.80
CA ILE C 116 -3.12 39.23 7.64
C ILE C 116 -3.21 37.83 7.03
N HIS C 117 -3.24 36.82 7.87
CA HIS C 117 -3.44 35.41 7.47
C HIS C 117 -4.69 34.91 8.15
N VAL C 118 -5.65 34.40 7.39
CA VAL C 118 -6.84 33.71 7.92
C VAL C 118 -6.73 32.21 7.60
N VAL C 119 -6.44 31.41 8.63
CA VAL C 119 -6.07 29.97 8.51
C VAL C 119 -7.37 29.17 8.55
N HIS C 120 -7.56 28.32 7.54
CA HIS C 120 -8.74 27.45 7.37
C HIS C 120 -8.36 25.97 7.30
N LEU C 121 -9.28 25.11 7.73
CA LEU C 121 -9.22 23.63 7.77
C LEU C 121 -10.18 23.09 6.73
N SER C 122 -9.73 22.19 5.87
CA SER C 122 -10.59 21.54 4.85
C SER C 122 -11.70 20.76 5.59
N THR C 123 -12.93 20.83 5.12
CA THR C 123 -14.08 20.11 5.71
C THR C 123 -13.90 18.60 5.51
N ALA C 124 -12.71 18.13 4.60
CA ALA C 124 -12.54 16.68 4.44
C ALA C 124 -11.66 16.15 5.57
N PHE C 125 -11.31 16.99 6.56
CA PHE C 125 -10.37 16.67 7.64
C PHE C 125 -10.99 17.08 8.98
N ALA C 126 -11.03 16.14 9.94
CA ALA C 126 -11.65 16.34 11.27
C ALA C 126 -10.72 17.22 12.06
N ARG C 127 -9.42 17.02 11.88
CA ARG C 127 -8.40 17.59 12.79
C ARG C 127 -7.35 18.28 11.95
N VAL C 128 -6.79 19.34 12.51
CA VAL C 128 -5.67 20.11 11.93
C VAL C 128 -4.51 19.15 11.74
N ASP C 129 -4.26 18.26 12.71
CA ASP C 129 -3.03 17.45 12.69
C ASP C 129 -3.12 16.38 11.60
N GLU C 130 -4.32 16.01 11.16
CA GLU C 130 -4.55 15.16 9.96
C GLU C 130 -4.31 15.99 8.70
N ALA C 131 -4.68 17.26 8.75
CA ALA C 131 -4.52 18.17 7.60
C ALA C 131 -3.03 18.57 7.39
N LEU C 132 -2.18 18.68 8.42
CA LEU C 132 -0.77 19.12 8.24
C LEU C 132 -0.06 18.16 7.31
N GLY C 133 0.53 18.66 6.22
CA GLY C 133 1.38 17.89 5.30
C GLY C 133 0.56 17.32 4.15
N ARG C 134 -0.76 17.42 4.21
CA ARG C 134 -1.61 16.84 3.14
C ARG C 134 -1.99 17.94 2.15
N PRO C 135 -2.17 17.63 0.85
CA PRO C 135 -2.46 18.66 -0.14
C PRO C 135 -3.86 19.23 0.09
N GLY C 136 -3.94 20.54 0.20
CA GLY C 136 -5.21 21.26 0.44
C GLY C 136 -5.75 21.09 1.84
N GLY C 137 -5.02 20.44 2.75
CA GLY C 137 -5.52 20.23 4.11
C GLY C 137 -5.85 21.54 4.77
N LEU C 138 -4.96 22.52 4.62
CA LEU C 138 -5.11 23.88 5.15
C LEU C 138 -5.14 24.84 3.96
N ALA C 139 -5.88 25.94 4.09
CA ALA C 139 -5.92 27.09 3.16
C ALA C 139 -5.86 28.38 4.00
N VAL C 140 -4.93 29.25 3.62
CA VAL C 140 -4.77 30.60 4.21
C VAL C 140 -5.27 31.63 3.17
N LEU C 141 -6.14 32.56 3.63
CA LEU C 141 -6.43 33.82 2.89
C LEU C 141 -5.46 34.86 3.41
N ALA C 142 -4.67 35.44 2.52
CA ALA C 142 -3.62 36.43 2.85
C ALA C 142 -3.94 37.75 2.16
N ALA C 143 -3.87 38.86 2.91
CA ALA C 143 -4.05 40.24 2.37
C ALA C 143 -2.95 41.12 2.90
N PHE C 144 -2.43 41.97 2.02
CA PHE C 144 -1.39 42.99 2.35
C PHE C 144 -2.04 44.19 3.03
N LEU C 145 -1.42 44.67 4.11
CA LEU C 145 -1.79 45.91 4.83
C LEU C 145 -0.81 47.02 4.42
N GLU C 146 -1.34 48.04 3.75
CA GLU C 146 -0.61 49.26 3.30
C GLU C 146 -1.02 50.45 4.17
N GLU C 147 -0.22 51.51 4.10
CA GLU C 147 -0.56 52.81 4.73
C GLU C 147 -1.51 53.60 3.83
N GLY C 148 -2.60 54.05 4.42
CA GLY C 148 -3.59 54.96 3.81
C GLY C 148 -3.82 56.15 4.75
N PRO C 149 -4.52 57.19 4.26
CA PRO C 149 -4.75 58.38 5.05
C PRO C 149 -5.69 58.15 6.25
N GLU C 150 -6.58 57.17 6.18
CA GLU C 150 -7.69 56.99 7.16
C GLU C 150 -7.41 55.88 8.19
N GLU C 151 -7.99 56.07 9.37
CA GLU C 151 -8.19 55.03 10.40
C GLU C 151 -9.08 53.94 9.81
N ASN C 152 -8.64 52.68 9.89
CA ASN C 152 -9.43 51.51 9.45
C ASN C 152 -10.39 51.12 10.58
N SER C 153 -11.70 51.13 10.34
CA SER C 153 -12.71 50.76 11.37
C SER C 153 -12.47 49.32 11.86
N ALA C 154 -12.48 48.37 10.92
CA ALA C 154 -12.42 46.93 11.24
C ALA C 154 -11.15 46.68 12.05
N TYR C 155 -10.02 47.25 11.65
CA TYR C 155 -8.72 46.92 12.28
C TYR C 155 -8.56 47.59 13.66
N GLU C 156 -9.15 48.78 13.87
CA GLU C 156 -9.24 49.48 15.18
C GLU C 156 -9.72 48.51 16.26
N GLN C 157 -10.74 47.70 15.95
CA GLN C 157 -11.33 46.72 16.89
C GLN C 157 -10.23 45.82 17.48
N LEU C 158 -9.19 45.48 16.71
CA LEU C 158 -8.10 44.58 17.17
C LEU C 158 -6.92 45.40 17.71
N LEU C 159 -6.52 46.46 17.02
CA LEU C 159 -5.33 47.26 17.41
C LEU C 159 -5.60 47.95 18.76
N SER C 160 -6.77 48.57 18.94
CA SER C 160 -7.19 49.20 20.23
C SER C 160 -7.02 48.23 21.42
N ARG C 161 -6.88 46.90 21.21
CA ARG C 161 -6.90 45.92 22.32
C ARG C 161 -5.51 45.32 22.61
N LEU C 162 -4.49 45.68 21.83
CA LEU C 162 -3.13 45.08 21.94
C LEU C 162 -2.45 45.48 23.25
N GLU C 163 -2.78 46.67 23.78
CA GLU C 163 -2.20 47.19 25.04
C GLU C 163 -2.39 46.13 26.12
N GLU C 164 -3.63 45.67 26.25
CA GLU C 164 -4.10 44.67 27.24
C GLU C 164 -3.33 43.34 27.18
N ILE C 165 -2.64 43.06 26.08
CA ILE C 165 -1.94 41.75 25.87
C ILE C 165 -0.51 42.01 25.41
N ALA C 166 0.12 43.08 25.89
CA ALA C 166 1.46 43.51 25.41
C ALA C 166 2.51 42.44 25.78
N GLU C 167 2.25 41.70 26.85
CA GLU C 167 3.18 40.70 27.45
C GLU C 167 3.02 39.36 26.73
N GLU C 168 4.14 38.81 26.22
CA GLU C 168 4.19 37.41 25.75
C GLU C 168 3.20 36.62 26.62
N GLY C 169 2.35 35.78 26.01
CA GLY C 169 1.53 34.80 26.74
C GLY C 169 0.17 35.35 27.18
N SER C 170 0.00 36.67 27.27
CA SER C 170 -1.26 37.27 27.78
C SER C 170 -2.37 37.19 26.72
N GLU C 171 -3.62 37.37 27.15
CA GLU C 171 -4.79 37.17 26.26
C GLU C 171 -6.00 37.88 26.84
N THR C 172 -6.95 38.28 26.00
CA THR C 172 -8.18 39.01 26.39
C THR C 172 -9.34 38.47 25.56
N GLN C 173 -10.56 38.71 26.02
CA GLN C 173 -11.80 38.49 25.23
C GLN C 173 -12.13 39.81 24.53
N VAL C 174 -12.59 39.74 23.28
CA VAL C 174 -12.92 40.93 22.45
C VAL C 174 -14.32 40.71 21.93
N PRO C 175 -15.09 41.79 21.65
CA PRO C 175 -16.44 41.63 21.11
C PRO C 175 -16.32 41.03 19.71
N GLY C 176 -17.29 40.19 19.33
CA GLY C 176 -17.50 39.73 17.94
C GLY C 176 -17.39 40.89 16.97
N LEU C 177 -16.89 40.60 15.77
CA LEU C 177 -16.67 41.61 14.71
C LEU C 177 -16.86 40.95 13.34
N ASP C 178 -17.03 41.77 12.32
CA ASP C 178 -17.20 41.26 10.94
C ASP C 178 -15.80 40.89 10.44
N ILE C 179 -15.44 39.63 10.47
CA ILE C 179 -14.07 39.18 10.08
C ILE C 179 -13.85 39.52 8.60
N SER C 180 -14.90 39.44 7.76
CA SER C 180 -14.85 39.74 6.30
C SER C 180 -14.48 41.20 6.05
N ALA C 181 -14.79 42.09 7.00
CA ALA C 181 -14.44 43.52 6.88
C ALA C 181 -12.92 43.71 6.93
N LEU C 182 -12.14 42.72 7.38
CA LEU C 182 -10.65 42.86 7.50
C LEU C 182 -9.95 42.67 6.16
N LEU C 183 -10.71 42.30 5.12
CA LEU C 183 -10.20 41.76 3.83
C LEU C 183 -10.53 42.73 2.70
N PRO C 184 -9.84 42.62 1.54
CA PRO C 184 -10.03 43.61 0.47
C PRO C 184 -11.40 43.52 -0.21
N SER C 185 -11.57 44.41 -1.16
CA SER C 185 -12.86 44.73 -1.81
C SER C 185 -13.30 43.59 -2.74
N ASP C 186 -12.39 43.06 -3.57
CA ASP C 186 -12.73 42.24 -4.76
C ASP C 186 -12.31 40.80 -4.55
N PHE C 187 -13.26 39.94 -4.22
CA PHE C 187 -13.01 38.50 -3.95
C PHE C 187 -12.78 37.71 -5.24
N SER C 188 -12.78 38.38 -6.41
CA SER C 188 -12.57 37.75 -7.74
C SER C 188 -11.12 37.93 -8.19
N ARG C 189 -10.31 38.65 -7.42
CA ARG C 189 -8.94 39.01 -7.84
C ARG C 189 -7.95 38.56 -6.76
N TYR C 190 -7.23 37.49 -7.06
CA TYR C 190 -6.24 36.84 -6.17
C TYR C 190 -5.23 36.07 -7.02
N PHE C 191 -4.06 35.88 -6.42
CA PHE C 191 -3.01 34.89 -6.75
C PHE C 191 -3.23 33.63 -5.90
N GLN C 192 -2.84 32.47 -6.42
CA GLN C 192 -2.99 31.18 -5.68
C GLN C 192 -1.81 30.27 -6.03
N TYR C 193 -1.22 29.65 -5.04
CA TYR C 193 -0.16 28.62 -5.23
C TYR C 193 -0.19 27.71 -4.00
N GLU C 194 0.59 26.65 -4.07
CA GLU C 194 0.64 25.67 -2.98
C GLU C 194 2.01 25.77 -2.30
N GLY C 195 2.02 25.87 -0.98
CA GLY C 195 3.26 25.95 -0.20
C GLY C 195 3.05 25.43 1.21
N SER C 196 3.55 26.15 2.18
CA SER C 196 3.80 25.60 3.54
C SER C 196 3.30 26.56 4.60
N LEU C 197 3.22 26.13 5.86
CA LEU C 197 3.24 27.12 6.99
C LEU C 197 4.55 27.93 6.86
N THR C 198 4.47 29.21 7.16
CA THR C 198 5.61 30.15 7.19
C THR C 198 6.22 30.17 8.58
N THR C 199 5.69 29.36 9.50
CA THR C 199 6.32 29.09 10.82
C THR C 199 6.63 27.60 10.92
N PRO C 200 7.52 27.19 11.82
CA PRO C 200 7.65 25.77 12.18
C PRO C 200 6.24 25.31 12.51
N PRO C 201 5.84 24.06 12.23
CA PRO C 201 6.68 23.07 11.56
C PRO C 201 6.80 23.08 10.02
N CYS C 202 6.38 24.14 9.35
CA CYS C 202 6.72 24.41 7.93
C CYS C 202 6.09 23.33 7.02
N ALA C 203 4.94 22.79 7.43
CA ALA C 203 4.32 21.64 6.74
C ALA C 203 3.86 22.11 5.36
N GLN C 204 4.04 21.26 4.36
CA GLN C 204 3.67 21.55 2.94
C GLN C 204 2.23 21.13 2.67
N GLY C 205 1.70 21.44 1.49
CA GLY C 205 0.30 21.15 1.13
C GLY C 205 -0.65 22.31 1.45
N VAL C 206 -0.18 23.44 1.99
CA VAL C 206 -1.06 24.61 2.29
C VAL C 206 -1.41 25.32 0.97
N ILE C 207 -2.70 25.47 0.67
CA ILE C 207 -3.14 26.34 -0.45
C ILE C 207 -3.14 27.79 0.06
N TRP C 208 -2.27 28.60 -0.54
CA TRP C 208 -2.18 30.07 -0.35
C TRP C 208 -3.02 30.83 -1.37
N THR C 209 -3.96 31.66 -0.89
CA THR C 209 -4.69 32.65 -1.71
C THR C 209 -4.26 34.03 -1.26
N VAL C 210 -3.64 34.81 -2.14
CA VAL C 210 -3.17 36.20 -1.83
C VAL C 210 -3.99 37.18 -2.66
N PHE C 211 -4.75 38.05 -1.99
CA PHE C 211 -5.59 39.08 -2.65
C PHE C 211 -4.71 40.00 -3.49
N ASN C 212 -5.15 40.35 -4.72
CA ASN C 212 -4.45 41.37 -5.56
C ASN C 212 -4.54 42.69 -4.80
N GLN C 213 -5.72 43.12 -4.36
CA GLN C 213 -5.96 44.45 -3.74
C GLN C 213 -5.49 44.43 -2.30
N THR C 214 -5.07 45.57 -1.77
CA THR C 214 -4.65 45.71 -0.35
C THR C 214 -5.76 46.27 0.53
N VAL C 215 -5.44 46.33 1.80
CA VAL C 215 -6.22 46.95 2.87
C VAL C 215 -5.37 48.11 3.41
N MET C 216 -5.99 49.27 3.66
CA MET C 216 -5.24 50.46 4.16
C MET C 216 -5.50 50.68 5.66
N LEU C 217 -4.43 50.85 6.44
CA LEU C 217 -4.47 51.31 7.85
C LEU C 217 -3.75 52.67 7.96
N SER C 218 -4.09 53.47 8.97
CA SER C 218 -3.42 54.77 9.28
C SER C 218 -1.99 54.49 9.75
N ALA C 219 -1.10 55.46 9.68
CA ALA C 219 0.26 55.37 10.25
C ALA C 219 0.19 55.10 11.77
N LYS C 220 -0.73 55.75 12.51
CA LYS C 220 -0.89 55.52 13.99
C LYS C 220 -1.15 54.01 14.20
N GLN C 221 -2.13 53.44 13.48
CA GLN C 221 -2.57 52.02 13.52
C GLN C 221 -1.38 51.08 13.21
N LEU C 222 -0.67 51.30 12.10
CA LEU C 222 0.50 50.45 11.75
C LEU C 222 1.53 50.56 12.86
N HIS C 223 1.79 51.77 13.38
CA HIS C 223 2.75 51.96 14.50
C HIS C 223 2.27 51.14 15.72
N THR C 224 0.98 51.20 16.07
CA THR C 224 0.37 50.47 17.21
C THR C 224 0.69 48.97 17.08
N LEU C 225 0.49 48.42 15.88
CA LEU C 225 0.62 46.98 15.61
C LEU C 225 2.03 46.52 15.99
N SER C 226 3.04 47.23 15.49
CA SER C 226 4.46 46.80 15.62
C SER C 226 5.08 47.29 16.93
N ASP C 227 4.50 48.31 17.57
CA ASP C 227 5.16 48.92 18.78
C ASP C 227 4.58 48.36 20.09
N THR C 228 3.36 47.83 20.09
CA THR C 228 2.67 47.49 21.36
C THR C 228 3.05 46.13 21.96
N LEU C 229 3.58 45.15 21.21
CA LEU C 229 3.67 43.76 21.77
C LEU C 229 5.12 43.35 22.02
N TRP C 230 5.32 42.53 23.07
CA TRP C 230 6.62 41.94 23.50
C TRP C 230 6.59 40.42 23.25
N GLY C 231 7.71 39.88 22.74
CA GLY C 231 7.90 38.46 22.39
C GLY C 231 8.70 37.71 23.46
N PRO C 232 9.46 36.70 23.03
CA PRO C 232 10.31 35.93 23.93
C PRO C 232 11.47 36.80 24.41
N GLY C 233 11.97 36.55 25.63
CA GLY C 233 13.05 37.37 26.22
C GLY C 233 12.51 38.72 26.63
N ASP C 234 13.33 39.76 26.67
CA ASP C 234 12.72 41.09 26.94
C ASP C 234 12.75 41.86 25.61
N SER C 235 12.37 41.20 24.52
CA SER C 235 12.46 41.72 23.12
C SER C 235 11.08 42.12 22.59
N ARG C 236 11.04 43.09 21.67
CA ARG C 236 9.77 43.55 21.02
C ARG C 236 9.26 42.45 20.08
N LEU C 237 7.95 42.19 20.04
CA LEU C 237 7.35 41.32 18.99
C LEU C 237 7.26 42.16 17.71
N GLN C 238 8.31 42.04 16.89
CA GLN C 238 8.51 42.84 15.65
C GLN C 238 9.22 42.01 14.58
N LEU C 239 9.09 42.39 13.30
CA LEU C 239 9.68 41.68 12.14
C LEU C 239 9.37 40.16 12.21
N ASN C 240 8.12 39.81 12.57
CA ASN C 240 7.69 38.41 12.83
C ASN C 240 7.28 37.80 11.47
N PHE C 241 8.22 37.78 10.53
CA PHE C 241 7.99 37.33 9.14
C PHE C 241 9.18 36.50 8.68
N ARG C 242 8.90 35.48 7.87
CA ARG C 242 9.91 34.57 7.31
C ARG C 242 10.43 35.19 6.01
N ALA C 243 11.67 34.88 5.66
CA ALA C 243 12.29 35.25 4.38
C ALA C 243 11.55 34.53 3.24
N THR C 244 11.57 35.19 2.08
CA THR C 244 11.12 34.74 0.75
C THR C 244 11.76 33.39 0.45
N GLN C 245 10.95 32.43 -0.03
CA GLN C 245 11.39 31.06 -0.36
C GLN C 245 11.32 30.90 -1.87
N PRO C 246 12.22 30.10 -2.49
CA PRO C 246 12.15 29.84 -3.94
C PRO C 246 10.94 29.01 -4.37
N LEU C 247 10.42 29.33 -5.55
CA LEU C 247 9.22 28.67 -6.13
C LEU C 247 9.55 27.24 -6.52
N ASN C 248 10.81 26.95 -6.94
CA ASN C 248 11.23 25.59 -7.40
C ASN C 248 10.24 25.02 -8.42
N GLY C 249 9.85 25.82 -9.41
CA GLY C 249 9.05 25.30 -10.53
C GLY C 249 7.56 25.54 -10.37
N ARG C 250 7.10 25.80 -9.14
CA ARG C 250 5.67 26.12 -8.87
C ARG C 250 5.36 27.37 -9.69
N VAL C 251 4.27 27.36 -10.45
CA VAL C 251 3.80 28.55 -11.19
C VAL C 251 2.67 29.15 -10.33
N ILE C 252 2.76 30.43 -9.99
CA ILE C 252 1.68 31.14 -9.27
C ILE C 252 0.55 31.40 -10.26
N GLU C 253 -0.67 31.08 -9.84
CA GLU C 253 -1.85 31.29 -10.68
C GLU C 253 -2.50 32.63 -10.33
N ALA C 254 -3.18 33.22 -11.30
CA ALA C 254 -3.96 34.47 -11.11
C ALA C 254 -5.38 34.25 -11.59
N SER C 255 -6.32 34.87 -10.86
CA SER C 255 -7.77 34.82 -11.13
C SER C 255 -8.17 35.82 -12.22
N PHE C 256 -7.25 36.59 -12.79
CA PHE C 256 -7.57 37.68 -13.77
C PHE C 256 -6.51 37.76 -14.86
N PRO C 257 -6.87 38.17 -16.11
CA PRO C 257 -5.90 38.28 -17.19
C PRO C 257 -4.88 39.38 -16.87
N TRP D 7 -13.06 -1.92 20.06
CA TRP D 7 -12.27 -2.89 20.90
C TRP D 7 -11.32 -2.15 21.86
N ARG D 8 -11.22 -2.61 23.12
CA ARG D 8 -10.35 -2.10 24.21
C ARG D 8 -9.42 -3.23 24.72
N TYR D 9 -8.26 -2.87 25.28
CA TYR D 9 -7.52 -3.70 26.26
C TYR D 9 -8.26 -3.63 27.62
N GLY D 10 -8.36 -4.76 28.34
CA GLY D 10 -8.99 -4.88 29.66
C GLY D 10 -10.49 -4.65 29.66
N GLY D 11 -11.24 -5.19 28.69
CA GLY D 11 -12.72 -5.25 28.76
C GLY D 11 -13.43 -5.01 27.43
N ASP D 12 -14.76 -5.05 27.49
CA ASP D 12 -15.70 -5.33 26.37
C ASP D 12 -15.49 -4.36 25.20
N PRO D 13 -15.86 -4.80 24.01
CA PRO D 13 -16.53 -6.10 23.80
C PRO D 13 -15.56 -7.27 23.69
N PRO D 14 -15.86 -8.73 24.06
CA PRO D 14 -14.98 -9.83 23.68
C PRO D 14 -14.42 -9.66 22.25
N TRP D 15 -13.10 -9.79 22.11
CA TRP D 15 -12.38 -9.70 20.82
C TRP D 15 -12.96 -10.70 19.79
N PRO D 16 -13.34 -11.95 20.16
CA PRO D 16 -14.02 -12.84 19.20
C PRO D 16 -15.37 -12.32 18.64
N ARG D 17 -16.08 -11.46 19.38
CA ARG D 17 -17.31 -10.79 18.88
C ARG D 17 -16.89 -9.75 17.82
N VAL D 18 -15.71 -9.15 17.95
CA VAL D 18 -15.12 -8.13 17.02
C VAL D 18 -14.60 -8.85 15.76
N SER D 19 -13.63 -9.74 15.93
CA SER D 19 -13.08 -10.64 14.87
C SER D 19 -13.10 -12.09 15.36
N PRO D 20 -13.81 -12.98 14.63
CA PRO D 20 -13.86 -14.40 15.01
C PRO D 20 -12.47 -15.07 15.01
N ALA D 21 -11.59 -14.66 14.09
CA ALA D 21 -10.18 -15.10 14.02
C ALA D 21 -9.46 -14.91 15.38
N CYS D 22 -9.95 -14.02 16.26
CA CYS D 22 -9.34 -13.78 17.61
C CYS D 22 -9.60 -15.01 18.50
N ALA D 23 -10.46 -15.93 18.04
CA ALA D 23 -10.73 -17.24 18.69
C ALA D 23 -10.02 -18.40 17.96
N GLY D 24 -8.97 -18.12 17.17
CA GLY D 24 -8.19 -19.16 16.47
C GLY D 24 -7.34 -19.99 17.44
N ARG D 25 -6.89 -21.15 17.00
CA ARG D 25 -6.11 -22.10 17.84
C ARG D 25 -4.67 -21.58 17.94
N PHE D 26 -4.18 -20.89 16.90
CA PHE D 26 -2.74 -20.53 16.74
C PHE D 26 -2.52 -19.01 16.82
N GLN D 27 -2.74 -18.44 17.99
CA GLN D 27 -2.70 -16.97 18.24
C GLN D 27 -1.34 -16.55 18.79
N SER D 28 -1.10 -15.24 18.82
CA SER D 28 0.09 -14.55 19.38
C SER D 28 -0.39 -13.50 20.38
N PRO D 29 0.45 -13.09 21.37
CA PRO D 29 1.82 -13.58 21.54
C PRO D 29 1.83 -14.89 22.31
N VAL D 30 3.03 -15.40 22.58
CA VAL D 30 3.26 -16.73 23.21
C VAL D 30 4.39 -16.60 24.23
N ASP D 31 4.50 -17.59 25.12
CA ASP D 31 5.67 -17.74 26.03
C ASP D 31 6.73 -18.54 25.29
N ILE D 32 7.85 -17.92 24.96
CA ILE D 32 9.07 -18.59 24.43
C ILE D 32 9.77 -19.30 25.59
N ARG D 33 9.91 -20.63 25.50
CA ARG D 33 10.73 -21.48 26.41
C ARG D 33 11.90 -22.00 25.59
N PRO D 34 13.10 -21.38 25.65
CA PRO D 34 14.18 -21.70 24.72
C PRO D 34 14.65 -23.16 24.75
N GLN D 35 14.41 -23.85 25.87
CA GLN D 35 14.62 -25.31 26.04
C GLN D 35 13.84 -26.06 24.96
N LEU D 36 12.54 -25.78 24.83
CA LEU D 36 11.59 -26.51 23.93
C LEU D 36 11.68 -26.01 22.48
N ALA D 37 12.62 -25.11 22.20
CA ALA D 37 12.78 -24.49 20.88
C ALA D 37 13.60 -25.45 20.05
N ALA D 38 13.30 -25.59 18.77
CA ALA D 38 14.01 -26.48 17.85
C ALA D 38 15.15 -25.70 17.22
N PHE D 39 16.41 -26.11 17.40
CA PHE D 39 17.53 -25.52 16.63
C PHE D 39 17.31 -25.82 15.16
N SER D 40 17.34 -24.78 14.31
CA SER D 40 16.97 -24.88 12.88
C SER D 40 18.00 -24.10 12.06
N PRO D 41 19.13 -24.72 11.68
CA PRO D 41 20.24 -24.01 11.03
C PRO D 41 19.95 -23.52 9.63
N ALA D 42 18.77 -23.82 9.09
CA ALA D 42 18.21 -23.16 7.89
C ALA D 42 17.99 -21.65 8.13
N LEU D 43 17.74 -21.24 9.37
CA LEU D 43 17.41 -19.83 9.76
C LEU D 43 18.68 -18.96 9.73
N ARG D 44 18.86 -18.23 8.64
CA ARG D 44 20.04 -17.36 8.37
C ARG D 44 19.81 -15.98 8.97
N PRO D 45 20.86 -15.13 9.06
CA PRO D 45 20.68 -13.79 9.62
C PRO D 45 19.75 -12.96 8.73
N LEU D 46 18.92 -12.12 9.37
CA LEU D 46 17.91 -11.25 8.71
C LEU D 46 18.66 -10.16 7.94
N GLU D 47 18.16 -9.77 6.77
CA GLU D 47 18.77 -8.66 5.99
C GLU D 47 17.74 -7.55 5.80
N LEU D 48 18.09 -6.34 6.22
CA LEU D 48 17.27 -5.10 6.01
C LEU D 48 17.99 -4.20 5.02
N LEU D 49 17.31 -3.74 3.98
CA LEU D 49 17.78 -2.65 3.09
C LEU D 49 16.81 -1.48 3.24
N GLY D 50 17.32 -0.26 3.16
CA GLY D 50 16.52 0.96 3.02
C GLY D 50 16.07 1.50 4.35
N PHE D 51 16.52 0.92 5.47
CA PHE D 51 16.05 1.29 6.83
C PHE D 51 16.71 2.61 7.28
N GLN D 52 17.86 3.00 6.70
CA GLN D 52 18.58 4.25 7.11
C GLN D 52 17.93 5.44 6.41
N LEU D 53 16.84 5.98 6.94
CA LEU D 53 16.10 7.04 6.23
C LEU D 53 16.78 8.39 6.44
N PRO D 54 16.71 9.28 5.43
CA PRO D 54 17.08 10.67 5.61
C PRO D 54 15.99 11.40 6.39
N PRO D 55 16.26 12.63 6.85
CA PRO D 55 15.29 13.43 7.59
C PRO D 55 13.98 13.72 6.85
N LEU D 56 14.08 14.01 5.55
CA LEU D 56 12.91 14.25 4.67
C LEU D 56 12.80 13.13 3.66
N PRO D 57 11.57 12.71 3.33
CA PRO D 57 10.38 13.27 3.96
C PRO D 57 10.18 12.78 5.40
N GLU D 58 9.34 13.51 6.12
CA GLU D 58 8.93 13.16 7.49
C GLU D 58 7.91 12.03 7.48
N LEU D 59 7.83 11.33 8.61
CA LEU D 59 6.97 10.15 8.91
C LEU D 59 5.84 10.59 9.85
N ARG D 60 4.65 10.01 9.74
CA ARG D 60 3.54 10.26 10.69
C ARG D 60 3.67 9.34 11.91
N LEU D 61 3.71 9.94 13.09
CA LEU D 61 3.65 9.27 14.41
C LEU D 61 2.27 9.56 14.99
N ARG D 62 1.55 8.49 15.32
CA ARG D 62 0.13 8.59 15.68
C ARG D 62 -0.09 7.87 17.01
N ASN D 63 -0.90 8.48 17.85
CA ASN D 63 -1.54 7.86 19.03
C ASN D 63 -2.91 7.40 18.53
N ASN D 64 -3.05 6.10 18.30
CA ASN D 64 -4.27 5.51 17.68
C ASN D 64 -5.20 5.00 18.79
N GLY D 65 -4.85 5.23 20.06
CA GLY D 65 -5.62 4.79 21.24
C GLY D 65 -5.16 3.45 21.78
N HIS D 66 -4.47 2.66 20.98
CA HIS D 66 -4.07 1.26 21.29
C HIS D 66 -2.54 1.16 21.40
N SER D 67 -1.82 2.07 20.75
CA SER D 67 -0.33 2.11 20.70
C SER D 67 0.10 3.45 20.14
N VAL D 68 1.40 3.72 20.16
CA VAL D 68 1.99 4.75 19.27
C VAL D 68 2.51 4.04 18.02
N GLN D 69 2.11 4.51 16.85
CA GLN D 69 2.48 3.93 15.54
C GLN D 69 3.27 4.93 14.68
N LEU D 70 4.42 4.51 14.20
CA LEU D 70 5.20 5.19 13.16
C LEU D 70 4.88 4.54 11.81
N THR D 71 4.32 5.29 10.86
CA THR D 71 4.06 4.79 9.47
C THR D 71 5.36 4.84 8.67
N LEU D 72 5.80 3.72 8.09
CA LEU D 72 7.09 3.67 7.37
C LEU D 72 6.88 3.89 5.88
N PRO D 73 7.86 4.51 5.19
CA PRO D 73 7.69 4.82 3.77
C PRO D 73 7.95 3.62 2.89
N PRO D 74 7.61 3.70 1.59
CA PRO D 74 8.00 2.66 0.63
C PRO D 74 9.53 2.53 0.57
N GLY D 75 9.99 1.14 0.26
CA GLY D 75 11.40 0.86 -0.04
C GLY D 75 12.16 0.39 1.17
N LEU D 76 11.48 -0.02 2.24
CA LEU D 76 12.14 -0.74 3.35
C LEU D 76 11.98 -2.25 3.11
N GLU D 77 13.03 -2.90 2.61
CA GLU D 77 12.98 -4.32 2.16
C GLU D 77 13.56 -5.16 3.27
N MET D 78 12.93 -6.32 3.54
CA MET D 78 13.37 -7.25 4.63
C MET D 78 13.23 -8.70 4.13
N ALA D 79 14.31 -9.47 4.23
CA ALA D 79 14.35 -10.89 3.85
C ALA D 79 14.53 -11.74 5.12
N LEU D 80 13.61 -12.67 5.34
CA LEU D 80 13.69 -13.66 6.47
C LEU D 80 14.64 -14.76 6.03
N GLY D 81 14.81 -14.86 4.71
CA GLY D 81 15.77 -15.77 4.11
C GLY D 81 15.58 -15.69 2.61
N PRO D 82 16.56 -16.48 1.75
CA PRO D 82 16.44 -16.44 0.30
C PRO D 82 15.01 -16.76 -0.16
N GLY D 83 14.48 -15.92 -1.03
CA GLY D 83 13.10 -15.98 -1.53
C GLY D 83 12.05 -15.79 -0.45
N ARG D 84 12.33 -15.17 0.68
CA ARG D 84 11.31 -14.81 1.71
C ARG D 84 11.36 -13.29 1.94
N GLU D 85 10.77 -12.53 1.02
CA GLU D 85 10.98 -11.07 0.92
C GLU D 85 9.72 -10.33 1.38
N TYR D 86 9.94 -9.29 2.19
CA TYR D 86 8.90 -8.43 2.80
C TYR D 86 9.25 -6.94 2.62
N ARG D 87 8.27 -6.07 2.86
CA ARG D 87 8.39 -4.59 2.87
C ARG D 87 7.79 -4.07 4.17
N ALA D 88 8.50 -3.22 4.88
CA ALA D 88 8.04 -2.65 6.16
C ALA D 88 6.87 -1.71 5.89
N LEU D 89 5.80 -1.84 6.69
CA LEU D 89 4.60 -0.97 6.68
C LEU D 89 4.65 0.05 7.81
N GLN D 90 5.00 -0.37 9.03
CA GLN D 90 4.86 0.46 10.24
C GLN D 90 5.57 -0.25 11.39
N LEU D 91 5.90 0.51 12.44
CA LEU D 91 6.29 -0.07 13.73
C LEU D 91 5.47 0.60 14.82
N HIS D 92 5.31 -0.11 15.94
CA HIS D 92 4.56 0.35 17.13
C HIS D 92 5.15 -0.35 18.35
N LEU D 93 4.66 0.00 19.52
CA LEU D 93 5.22 -0.48 20.81
C LEU D 93 4.10 -1.00 21.69
N HIS D 94 4.42 -1.96 22.53
CA HIS D 94 3.54 -2.38 23.66
C HIS D 94 4.35 -2.18 24.95
N TRP D 95 3.70 -1.68 25.99
CA TRP D 95 4.38 -1.31 27.26
C TRP D 95 3.42 -1.49 28.43
N GLY D 96 3.95 -1.37 29.65
CA GLY D 96 3.16 -1.57 30.88
C GLY D 96 2.72 -0.27 31.55
N ALA D 97 2.95 -0.19 32.86
CA ALA D 97 2.77 1.00 33.71
C ALA D 97 3.98 1.10 34.64
N ALA D 98 3.90 1.89 35.70
CA ALA D 98 5.03 2.06 36.65
C ALA D 98 5.17 0.77 37.48
N GLY D 99 6.33 0.12 37.43
CA GLY D 99 6.63 -1.15 38.11
C GLY D 99 6.16 -2.38 37.35
N ARG D 100 5.13 -2.26 36.51
CA ARG D 100 4.45 -3.37 35.82
C ARG D 100 4.99 -3.49 34.40
N PRO D 101 5.62 -4.61 34.02
CA PRO D 101 6.17 -4.77 32.68
C PRO D 101 5.01 -4.98 31.68
N GLY D 102 5.26 -4.83 30.37
CA GLY D 102 4.20 -4.84 29.36
C GLY D 102 4.59 -5.39 27.98
N SER D 103 5.69 -6.16 27.85
CA SER D 103 6.04 -6.93 26.62
C SER D 103 4.88 -7.90 26.32
N GLU D 104 4.71 -8.32 25.06
CA GLU D 104 3.58 -9.21 24.66
C GLU D 104 4.09 -10.65 24.77
N HIS D 105 5.26 -10.90 24.18
CA HIS D 105 5.99 -12.17 24.34
C HIS D 105 6.66 -12.20 25.72
N THR D 106 6.67 -13.38 26.34
CA THR D 106 7.39 -13.66 27.60
C THR D 106 8.47 -14.68 27.28
N VAL D 107 9.50 -14.75 28.11
CA VAL D 107 10.57 -15.78 28.02
C VAL D 107 10.63 -16.51 29.35
N GLU D 108 10.45 -17.83 29.33
CA GLU D 108 10.31 -18.67 30.56
C GLU D 108 9.45 -17.86 31.53
N GLY D 109 8.37 -17.27 31.01
CA GLY D 109 7.36 -16.60 31.86
C GLY D 109 7.78 -15.19 32.20
N HIS D 110 9.02 -14.78 31.94
CA HIS D 110 9.50 -13.39 32.19
C HIS D 110 8.87 -12.42 31.18
N ARG D 111 8.12 -11.42 31.67
CA ARG D 111 7.61 -10.27 30.88
C ARG D 111 8.66 -9.16 30.94
N PHE D 112 9.11 -8.64 29.80
CA PHE D 112 10.05 -7.49 29.75
C PHE D 112 9.24 -6.18 29.81
N PRO D 113 9.89 -5.05 30.18
CA PRO D 113 9.19 -3.76 30.29
C PRO D 113 8.28 -3.38 29.10
N ALA D 114 8.82 -3.49 27.89
CA ALA D 114 8.07 -3.11 26.65
C ALA D 114 8.57 -3.89 25.43
N GLU D 115 7.87 -3.75 24.30
CA GLU D 115 8.20 -4.51 23.07
C GLU D 115 7.99 -3.60 21.86
N ILE D 116 8.90 -3.69 20.90
CA ILE D 116 8.75 -3.07 19.55
C ILE D 116 8.38 -4.14 18.51
N HIS D 117 7.34 -3.86 17.73
CA HIS D 117 6.92 -4.61 16.53
C HIS D 117 7.18 -3.79 15.26
N VAL D 118 7.93 -4.31 14.31
CA VAL D 118 7.95 -3.78 12.92
C VAL D 118 7.14 -4.71 12.02
N VAL D 119 5.99 -4.23 11.52
CA VAL D 119 5.05 -5.04 10.70
C VAL D 119 5.44 -4.94 9.23
N HIS D 120 5.53 -6.10 8.58
CA HIS D 120 5.95 -6.25 7.17
C HIS D 120 4.90 -7.01 6.36
N LEU D 121 4.89 -6.73 5.07
CA LEU D 121 3.94 -7.33 4.10
C LEU D 121 4.76 -8.10 3.07
N SER D 122 4.42 -9.36 2.85
CA SER D 122 5.04 -10.17 1.78
C SER D 122 4.96 -9.41 0.45
N THR D 123 6.02 -9.45 -0.35
CA THR D 123 6.10 -8.77 -1.67
C THR D 123 5.22 -9.47 -2.68
N ALA D 124 4.56 -10.74 -2.26
CA ALA D 124 3.55 -11.42 -3.08
C ALA D 124 2.20 -10.71 -2.99
N PHE D 125 2.04 -9.75 -2.09
CA PHE D 125 0.72 -9.10 -1.87
C PHE D 125 0.82 -7.58 -2.06
N ALA D 126 -0.21 -6.96 -2.64
CA ALA D 126 -0.26 -5.52 -2.90
C ALA D 126 -0.71 -4.80 -1.63
N ARG D 127 -1.59 -5.42 -0.86
CA ARG D 127 -2.34 -4.77 0.24
C ARG D 127 -2.41 -5.71 1.42
N VAL D 128 -2.42 -5.14 2.61
CA VAL D 128 -2.50 -5.93 3.86
C VAL D 128 -3.75 -6.80 3.88
N ASP D 129 -4.90 -6.30 3.43
CA ASP D 129 -6.14 -7.10 3.53
C ASP D 129 -6.05 -8.33 2.62
N GLU D 130 -5.23 -8.35 1.57
CA GLU D 130 -5.00 -9.59 0.78
C GLU D 130 -4.15 -10.60 1.59
N ALA D 131 -3.28 -10.11 2.47
CA ALA D 131 -2.28 -10.95 3.17
C ALA D 131 -2.84 -11.57 4.45
N LEU D 132 -3.88 -10.94 5.03
CA LEU D 132 -4.45 -11.37 6.32
C LEU D 132 -4.93 -12.82 6.18
N GLY D 133 -4.52 -13.70 7.09
CA GLY D 133 -4.95 -15.11 7.10
C GLY D 133 -4.15 -15.96 6.09
N ARG D 134 -3.26 -15.35 5.32
CA ARG D 134 -2.52 -16.10 4.27
C ARG D 134 -1.17 -16.55 4.83
N PRO D 135 -0.69 -17.77 4.48
CA PRO D 135 0.56 -18.27 5.04
C PRO D 135 1.72 -17.34 4.68
N GLY D 136 2.36 -16.78 5.71
CA GLY D 136 3.52 -15.88 5.56
C GLY D 136 3.17 -14.54 4.96
N GLY D 137 1.89 -14.16 4.95
CA GLY D 137 1.45 -12.92 4.27
C GLY D 137 2.01 -11.68 4.97
N LEU D 138 2.05 -11.74 6.30
CA LEU D 138 2.65 -10.71 7.20
C LEU D 138 3.78 -11.37 7.98
N ALA D 139 4.76 -10.57 8.36
CA ALA D 139 5.93 -10.95 9.17
C ALA D 139 6.21 -9.81 10.14
N VAL D 140 6.35 -10.09 11.42
CA VAL D 140 6.66 -9.05 12.45
C VAL D 140 8.07 -9.30 12.99
N LEU D 141 8.92 -8.27 13.00
CA LEU D 141 10.21 -8.33 13.74
C LEU D 141 9.90 -7.75 15.12
N ALA D 142 10.15 -8.53 16.17
CA ALA D 142 9.85 -8.19 17.58
C ALA D 142 11.14 -8.20 18.38
N ALA D 143 11.36 -7.14 19.15
CA ALA D 143 12.48 -7.02 20.10
C ALA D 143 11.92 -6.53 21.44
N PHE D 144 12.50 -7.02 22.52
CA PHE D 144 12.19 -6.59 23.90
C PHE D 144 13.01 -5.35 24.20
N LEU D 145 12.43 -4.43 24.96
CA LEU D 145 13.16 -3.28 25.52
C LEU D 145 13.28 -3.51 27.03
N GLU D 146 14.49 -3.41 27.56
CA GLU D 146 14.67 -3.42 29.03
C GLU D 146 15.44 -2.17 29.48
N GLU D 147 15.37 -1.89 30.78
CA GLU D 147 16.09 -0.80 31.48
C GLU D 147 17.60 -1.04 31.32
N GLY D 148 18.30 -0.08 30.74
CA GLY D 148 19.77 0.03 30.75
C GLY D 148 20.19 1.24 31.59
N PRO D 149 21.49 1.39 31.89
CA PRO D 149 21.97 2.60 32.58
C PRO D 149 21.97 3.82 31.65
N GLU D 150 22.29 3.65 30.36
CA GLU D 150 22.38 4.74 29.36
C GLU D 150 20.99 5.09 28.81
N GLU D 151 20.92 6.18 28.03
CA GLU D 151 19.70 6.61 27.31
C GLU D 151 19.87 6.19 25.85
N ASN D 152 18.87 5.54 25.26
CA ASN D 152 18.90 5.15 23.83
C ASN D 152 18.64 6.40 23.00
N SER D 153 19.65 6.94 22.33
CA SER D 153 19.48 8.19 21.57
C SER D 153 18.59 7.94 20.33
N ALA D 154 18.61 6.72 19.78
CA ALA D 154 17.75 6.31 18.65
C ALA D 154 16.28 6.45 19.06
N TYR D 155 15.92 5.92 20.22
CA TYR D 155 14.52 5.97 20.73
C TYR D 155 14.16 7.39 21.20
N GLU D 156 15.15 8.17 21.63
CA GLU D 156 14.92 9.56 22.14
C GLU D 156 14.17 10.36 21.07
N GLN D 157 14.50 10.15 19.79
CA GLN D 157 13.87 10.84 18.64
C GLN D 157 12.36 10.61 18.59
N LEU D 158 11.89 9.43 18.96
CA LEU D 158 10.43 9.15 19.02
C LEU D 158 9.89 9.51 20.41
N LEU D 159 10.62 9.22 21.49
CA LEU D 159 10.09 9.42 22.86
C LEU D 159 9.95 10.92 23.19
N SER D 160 10.87 11.75 22.66
CA SER D 160 10.83 13.22 22.81
C SER D 160 9.59 13.81 22.13
N ARG D 161 8.88 13.04 21.27
CA ARG D 161 7.71 13.55 20.50
C ARG D 161 6.38 13.06 21.07
N LEU D 162 6.40 12.15 22.06
CA LEU D 162 5.16 11.53 22.60
C LEU D 162 4.26 12.60 23.20
N GLU D 163 4.83 13.63 23.84
CA GLU D 163 4.06 14.70 24.49
C GLU D 163 3.13 15.40 23.48
N GLU D 164 3.59 15.65 22.25
CA GLU D 164 2.74 16.28 21.19
C GLU D 164 1.52 15.42 20.85
N ILE D 165 1.53 14.12 21.10
CA ILE D 165 0.41 13.24 20.67
C ILE D 165 -0.22 12.56 21.88
N ALA D 166 -0.20 13.25 23.01
CA ALA D 166 -0.70 12.68 24.28
C ALA D 166 -2.20 12.37 24.12
N GLU D 167 -2.92 13.19 23.37
CA GLU D 167 -4.38 12.98 23.16
C GLU D 167 -4.58 11.76 22.25
N GLU D 168 -5.50 10.88 22.64
CA GLU D 168 -5.91 9.75 21.78
C GLU D 168 -6.34 10.30 20.42
N GLY D 169 -5.89 9.67 19.33
CA GLY D 169 -6.34 9.99 17.95
C GLY D 169 -5.54 11.16 17.35
N SER D 170 -4.45 11.53 18.00
CA SER D 170 -3.62 12.70 17.62
C SER D 170 -2.38 12.17 16.90
N GLU D 171 -1.77 13.01 16.06
CA GLU D 171 -0.58 12.64 15.27
C GLU D 171 0.29 13.88 15.06
N THR D 172 1.51 13.61 14.69
CA THR D 172 2.55 14.61 14.41
C THR D 172 3.48 14.03 13.34
N GLN D 173 4.23 14.89 12.64
CA GLN D 173 5.24 14.49 11.63
C GLN D 173 6.59 14.52 12.34
N VAL D 174 7.50 13.59 12.04
CA VAL D 174 8.84 13.52 12.68
C VAL D 174 9.86 13.21 11.59
N PRO D 175 11.12 13.68 11.74
CA PRO D 175 12.15 13.44 10.74
C PRO D 175 12.41 11.94 10.60
N GLY D 176 12.61 11.51 9.35
CA GLY D 176 13.23 10.21 9.05
C GLY D 176 14.38 9.93 9.98
N LEU D 177 14.58 8.66 10.30
CA LEU D 177 15.68 8.22 11.18
C LEU D 177 16.10 6.81 10.78
N ASP D 178 17.19 6.33 11.36
CA ASP D 178 17.71 4.97 11.11
C ASP D 178 16.80 3.96 11.82
N ILE D 179 15.85 3.38 11.09
CA ILE D 179 14.76 2.56 11.70
C ILE D 179 15.41 1.32 12.33
N SER D 180 16.46 0.80 11.67
CA SER D 180 17.23 -0.40 12.07
C SER D 180 17.93 -0.15 13.42
N ALA D 181 18.09 1.10 13.83
CA ALA D 181 18.75 1.45 15.12
C ALA D 181 17.75 1.30 16.25
N LEU D 182 16.46 1.09 15.96
CA LEU D 182 15.42 0.83 17.00
C LEU D 182 15.40 -0.65 17.38
N LEU D 183 16.19 -1.47 16.68
CA LEU D 183 16.26 -2.94 16.85
C LEU D 183 17.65 -3.33 17.33
N PRO D 184 17.83 -4.56 17.81
CA PRO D 184 19.17 -5.02 18.16
C PRO D 184 20.14 -5.08 16.97
N SER D 185 21.44 -5.14 17.27
CA SER D 185 22.54 -5.29 16.29
C SER D 185 22.69 -6.76 15.86
N ASP D 186 22.40 -7.71 16.77
CA ASP D 186 22.46 -9.15 16.42
C ASP D 186 21.19 -9.55 15.66
N PHE D 187 21.30 -9.69 14.33
CA PHE D 187 20.23 -10.13 13.39
C PHE D 187 20.35 -11.63 13.07
N SER D 188 21.16 -12.38 13.82
CA SER D 188 21.53 -13.79 13.47
C SER D 188 20.96 -14.77 14.52
N ARG D 189 20.67 -14.28 15.72
CA ARG D 189 20.15 -15.07 16.87
C ARG D 189 18.71 -14.67 17.19
N TYR D 190 17.74 -15.51 16.80
CA TYR D 190 16.30 -15.23 17.00
C TYR D 190 15.50 -16.53 17.15
N PHE D 191 14.31 -16.37 17.71
CA PHE D 191 13.19 -17.33 17.65
C PHE D 191 12.29 -16.99 16.46
N GLN D 192 11.71 -17.97 15.77
CA GLN D 192 10.69 -17.78 14.72
C GLN D 192 9.54 -18.75 14.94
N TYR D 193 8.29 -18.30 14.94
CA TYR D 193 7.11 -19.20 14.93
C TYR D 193 6.00 -18.56 14.10
N GLU D 194 4.99 -19.34 13.75
CA GLU D 194 3.81 -18.87 13.01
C GLU D 194 2.72 -18.58 14.05
N GLY D 195 2.11 -17.41 13.97
CA GLY D 195 1.02 -16.99 14.87
C GLY D 195 0.04 -16.04 14.19
N SER D 196 -0.37 -15.00 14.90
CA SER D 196 -1.49 -14.12 14.49
C SER D 196 -1.12 -12.65 14.70
N LEU D 197 -2.01 -11.74 14.31
CA LEU D 197 -2.00 -10.37 14.90
C LEU D 197 -2.31 -10.50 16.39
N THR D 198 -1.77 -9.62 17.23
CA THR D 198 -2.06 -9.56 18.67
C THR D 198 -3.18 -8.57 18.94
N THR D 199 -3.73 -7.95 17.90
CA THR D 199 -4.88 -7.03 18.00
C THR D 199 -5.91 -7.60 17.05
N PRO D 200 -7.21 -7.26 17.19
CA PRO D 200 -8.16 -7.59 16.15
C PRO D 200 -7.63 -7.00 14.85
N PRO D 201 -7.89 -7.64 13.69
CA PRO D 201 -8.70 -8.86 13.61
C PRO D 201 -8.03 -10.21 13.95
N CYS D 202 -6.82 -10.25 14.50
CA CYS D 202 -6.19 -11.48 15.04
C CYS D 202 -5.96 -12.56 13.97
N ALA D 203 -5.65 -12.19 12.73
CA ALA D 203 -5.60 -13.14 11.60
C ALA D 203 -4.32 -13.96 11.73
N GLN D 204 -4.38 -15.25 11.35
CA GLN D 204 -3.24 -16.21 11.50
C GLN D 204 -2.41 -16.16 10.22
N GLY D 205 -1.30 -16.88 10.15
CA GLY D 205 -0.39 -16.86 8.99
C GLY D 205 0.76 -15.88 9.17
N VAL D 206 0.85 -15.21 10.33
CA VAL D 206 1.92 -14.21 10.63
C VAL D 206 3.21 -14.96 11.00
N ILE D 207 4.32 -14.68 10.33
CA ILE D 207 5.65 -15.19 10.77
C ILE D 207 6.21 -14.21 11.80
N TRP D 208 6.26 -14.63 13.06
CA TRP D 208 6.93 -13.88 14.15
C TRP D 208 8.40 -14.25 14.23
N THR D 209 9.26 -13.23 14.17
CA THR D 209 10.70 -13.32 14.48
C THR D 209 10.97 -12.48 15.73
N VAL D 210 11.37 -13.13 16.83
CA VAL D 210 11.70 -12.48 18.14
C VAL D 210 13.20 -12.59 18.38
N PHE D 211 13.83 -11.44 18.56
CA PHE D 211 15.30 -11.34 18.71
C PHE D 211 15.69 -11.90 20.08
N ASN D 212 16.80 -12.65 20.16
CA ASN D 212 17.52 -13.02 21.43
C ASN D 212 18.01 -11.73 22.10
N GLN D 213 18.83 -10.92 21.44
CA GLN D 213 19.39 -9.69 22.04
C GLN D 213 18.22 -8.73 22.33
N THR D 214 18.18 -8.08 23.50
CA THR D 214 17.25 -6.97 23.79
C THR D 214 17.86 -5.61 23.43
N VAL D 215 17.03 -4.58 23.52
CA VAL D 215 17.39 -3.16 23.28
C VAL D 215 17.26 -2.46 24.63
N MET D 216 18.22 -1.60 24.97
CA MET D 216 18.27 -0.98 26.32
C MET D 216 17.82 0.49 26.28
N LEU D 217 16.82 0.80 27.09
CA LEU D 217 16.26 2.15 27.30
C LEU D 217 16.51 2.56 28.75
N SER D 218 16.85 3.81 28.98
CA SER D 218 16.94 4.45 30.32
C SER D 218 15.58 4.32 31.01
N ALA D 219 15.59 4.35 32.34
CA ALA D 219 14.39 4.14 33.17
C ALA D 219 13.41 5.29 32.91
N LYS D 220 13.98 6.47 32.61
CA LYS D 220 13.25 7.74 32.31
C LYS D 220 12.52 7.59 30.96
N GLN D 221 13.24 7.13 29.95
CA GLN D 221 12.72 6.72 28.61
C GLN D 221 11.56 5.72 28.78
N LEU D 222 11.73 4.67 29.58
CA LEU D 222 10.60 3.71 29.80
C LEU D 222 9.43 4.44 30.46
N HIS D 223 9.68 5.36 31.39
CA HIS D 223 8.60 6.11 32.09
C HIS D 223 7.91 7.05 31.09
N THR D 224 8.68 7.66 30.20
CA THR D 224 8.12 8.56 29.16
C THR D 224 7.11 7.77 28.32
N LEU D 225 7.53 6.60 27.84
CA LEU D 225 6.69 5.71 26.97
C LEU D 225 5.37 5.37 27.64
N SER D 226 5.43 4.91 28.90
CA SER D 226 4.25 4.40 29.62
C SER D 226 3.45 5.52 30.30
N ASP D 227 4.01 6.71 30.47
CA ASP D 227 3.29 7.74 31.28
C ASP D 227 2.78 8.91 30.43
N THR D 228 3.15 9.02 29.14
CA THR D 228 2.82 10.25 28.35
C THR D 228 1.50 10.13 27.56
N LEU D 229 1.04 8.95 27.13
CA LEU D 229 -0.11 8.92 26.17
C LEU D 229 -1.40 8.54 26.88
N TRP D 230 -2.52 8.98 26.30
CA TRP D 230 -3.91 8.79 26.77
C TRP D 230 -4.68 7.97 25.73
N GLY D 231 -5.70 7.25 26.17
CA GLY D 231 -6.32 6.14 25.41
C GLY D 231 -7.82 6.31 25.36
N PRO D 232 -8.53 5.26 24.97
CA PRO D 232 -9.97 5.31 24.84
C PRO D 232 -10.54 5.74 26.20
N GLY D 233 -11.56 6.57 26.20
CA GLY D 233 -12.13 7.07 27.47
C GLY D 233 -11.23 8.14 28.04
N ASP D 234 -11.14 8.23 29.36
CA ASP D 234 -10.27 9.24 30.03
C ASP D 234 -9.15 8.47 30.70
N SER D 235 -8.72 7.40 30.04
CA SER D 235 -7.72 6.44 30.60
C SER D 235 -6.32 6.66 30.03
N ARG D 236 -5.28 6.54 30.84
CA ARG D 236 -3.88 6.43 30.33
C ARG D 236 -3.76 5.25 29.35
N LEU D 237 -2.94 5.40 28.32
CA LEU D 237 -2.64 4.30 27.38
C LEU D 237 -1.51 3.54 28.04
N GLN D 238 -1.83 2.49 28.80
CA GLN D 238 -0.81 1.64 29.49
C GLN D 238 -1.27 0.20 29.44
N LEU D 239 -0.34 -0.75 29.67
CA LEU D 239 -0.66 -2.20 29.72
C LEU D 239 -1.38 -2.58 28.43
N ASN D 240 -0.83 -2.15 27.29
CA ASN D 240 -1.46 -2.28 25.95
C ASN D 240 -0.90 -3.56 25.31
N PHE D 241 -0.99 -4.68 26.03
CA PHE D 241 -0.42 -5.99 25.64
C PHE D 241 -1.51 -7.06 25.76
N ARG D 242 -1.44 -8.06 24.90
CA ARG D 242 -2.40 -9.18 24.90
C ARG D 242 -1.83 -10.30 25.79
N ALA D 243 -2.72 -11.00 26.47
CA ALA D 243 -2.40 -12.18 27.29
C ALA D 243 -1.69 -13.23 26.41
N THR D 244 -0.59 -13.75 26.93
CA THR D 244 0.12 -14.98 26.49
C THR D 244 -0.91 -16.02 26.03
N GLN D 245 -0.73 -16.57 24.82
CA GLN D 245 -1.66 -17.53 24.18
C GLN D 245 -0.95 -18.87 24.07
N PRO D 246 -1.66 -20.00 24.26
CA PRO D 246 -1.00 -21.31 24.23
C PRO D 246 -0.44 -21.66 22.84
N LEU D 247 0.71 -22.30 22.84
CA LEU D 247 1.35 -22.79 21.58
C LEU D 247 0.46 -23.82 20.88
N ASN D 248 -0.25 -24.65 21.63
CA ASN D 248 -1.22 -25.61 21.07
C ASN D 248 -0.52 -26.51 20.04
N GLY D 249 0.73 -26.88 20.30
CA GLY D 249 1.44 -27.88 19.49
C GLY D 249 2.42 -27.27 18.52
N ARG D 250 2.32 -25.96 18.29
CA ARG D 250 3.34 -25.23 17.49
C ARG D 250 4.69 -25.42 18.16
N VAL D 251 5.70 -25.63 17.36
CA VAL D 251 7.13 -25.61 17.80
C VAL D 251 7.77 -24.28 17.39
N ILE D 252 8.39 -23.58 18.34
CA ILE D 252 9.20 -22.37 18.07
C ILE D 252 10.57 -22.84 17.63
N GLU D 253 11.04 -22.31 16.50
CA GLU D 253 12.40 -22.56 15.97
C GLU D 253 13.32 -21.52 16.64
N ALA D 254 14.61 -21.87 16.74
CA ALA D 254 15.72 -20.98 17.16
C ALA D 254 16.82 -21.02 16.09
N SER D 255 17.38 -19.85 15.75
CA SER D 255 18.41 -19.69 14.69
C SER D 255 19.77 -20.14 15.21
N PHE D 256 19.86 -20.50 16.48
CA PHE D 256 21.14 -20.82 17.17
C PHE D 256 20.92 -22.03 18.06
N PRO D 257 21.97 -22.87 18.24
CA PRO D 257 21.92 -24.06 19.10
C PRO D 257 21.78 -23.79 20.61
ZN ZN E . -12.08 3.38 -14.06
O29 J92 F . -12.99 -4.54 -6.73
C28 J92 F . -14.02 -4.67 -7.39
O30 J92 F . -14.65 -5.99 -7.47
C31 J92 F . -14.06 -7.15 -6.81
C27 J92 F . -14.60 -3.47 -8.10
C26 J92 F . -13.79 -2.18 -7.85
C25 J92 F . -13.66 -1.38 -9.14
N23 J92 F . -13.14 -0.03 -8.98
C21 J92 F . -11.85 0.26 -9.08
O22 J92 F . -10.97 -0.58 -9.23
C11 J92 F . -11.45 1.70 -9.05
C12 J92 F . -11.86 2.53 -10.12
C7 J92 F . -11.52 3.87 -10.16
S4 J92 F . -11.87 4.86 -11.42
O5 J92 F . -12.64 6.04 -11.08
O6 J92 F . -10.66 5.24 -12.06
N1 J92 F . -12.75 4.10 -12.57
C10 J92 F . -10.67 2.24 -7.89
C9 J92 F . -10.33 3.56 -7.93
C8 J92 F . -10.71 4.36 -9.01
CL1 J92 F . -10.22 6.07 -9.02
S14 J92 F . -10.13 1.29 -6.57
C15 J92 F . -10.90 1.80 -5.04
C20 J92 F . -12.39 1.40 -5.02
C19 J92 F . -12.83 0.89 -3.64
C18 J92 F . -12.27 1.78 -2.51
C17 J92 F . -10.74 1.78 -2.51
C16 J92 F . -10.15 1.21 -3.82
ZN ZN G . 5.11 -32.48 -11.61
O29 J92 H . -2.54 -27.93 -18.21
C28 J92 H . -1.97 -28.76 -18.92
O30 J92 H . -2.81 -29.58 -19.81
C31 J92 H . -4.19 -29.31 -20.16
C27 J92 H . -0.45 -28.89 -18.86
C26 J92 H . 0.14 -28.20 -17.61
C25 J92 H . 1.29 -28.98 -16.97
N23 J92 H . 1.58 -28.61 -15.59
C21 J92 H . 0.99 -29.19 -14.55
O22 J92 H . 0.14 -30.04 -14.69
C11 J92 H . 1.42 -28.82 -13.14
C12 J92 H . 2.64 -29.27 -12.68
C7 J92 H . 3.14 -28.99 -11.41
S4 J92 H . 4.55 -29.56 -10.77
O5 J92 H . 5.46 -28.66 -10.11
O6 J92 H . 4.27 -30.48 -9.67
N1 J92 H . 5.41 -30.34 -11.90
C10 J92 H . 0.57 -27.98 -12.27
C9 J92 H . 1.04 -27.72 -11.00
C8 J92 H . 2.26 -28.17 -10.56
CL1 J92 H . 2.81 -27.76 -8.90
S14 J92 H . -0.98 -27.37 -12.63
C15 J92 H . -1.02 -25.65 -12.26
C20 J92 H . -0.48 -24.90 -13.48
C19 J92 H . -1.09 -23.50 -13.58
C18 J92 H . -2.56 -23.63 -13.94
C17 J92 H . -3.20 -24.79 -13.18
C16 J92 H . -2.44 -25.24 -11.93
ZN ZN I . 0.87 33.68 9.16
O29 J92 J . 4.47 28.44 19.06
C28 J92 J . 3.55 28.83 18.33
O30 J92 J . 2.65 29.89 18.81
C31 J92 J . 1.28 29.57 19.09
C27 J92 J . 3.37 28.22 16.95
C26 J92 J . 3.51 29.32 15.90
C25 J92 J . 2.21 29.96 15.44
N23 J92 J . 1.90 29.64 14.04
C21 J92 J . 0.65 29.66 13.61
O22 J92 J . -0.27 30.04 14.33
C11 J92 J . 0.23 29.29 12.20
C12 J92 J . 0.69 30.04 11.11
C7 J92 J . 0.30 29.78 9.80
S4 J92 J . 0.79 30.69 8.52
O5 J92 J . 1.50 29.96 7.50
O6 J92 J . -0.38 31.28 7.90
N1 J92 J . 1.83 31.86 9.01
C10 J92 J . -0.72 28.18 12.01
C9 J92 J . -1.11 27.90 10.72
C8 J92 J . -0.63 28.63 9.67
CL1 J92 J . -1.23 28.15 8.07
S14 J92 J . -1.33 27.23 13.30
C15 J92 J . -0.90 25.56 13.08
C20 J92 J . 0.62 25.50 13.39
C19 J92 J . 1.13 24.23 14.13
C18 J92 J . 0.10 23.10 14.15
C17 J92 J . -1.24 23.56 14.71
C16 J92 J . -1.86 24.74 13.95
ZN ZN K . 2.14 -5.24 18.13
O29 J92 L . -5.74 1.34 13.90
C28 J92 L . -6.33 1.23 14.97
O30 J92 L . -7.33 2.26 15.35
C31 J92 L . -7.64 3.42 14.54
C27 J92 L . -5.98 0.03 15.85
C26 J92 L . -5.24 -1.16 15.17
C25 J92 L . -3.95 -1.53 15.92
N23 J92 L . -3.24 -2.69 15.42
C21 J92 L . -2.06 -2.69 14.78
O22 J92 L . -1.46 -1.66 14.56
C11 J92 L . -1.37 -3.91 14.27
C12 J92 L . -0.69 -4.71 15.18
C7 J92 L . 0.03 -5.89 14.81
S4 J92 L . 0.89 -6.81 15.88
O5 J92 L . 0.47 -8.18 15.83
O6 J92 L . 2.28 -6.83 15.54
N1 J92 L . 0.76 -6.20 17.35
C10 J92 L . -1.34 -4.27 12.81
C9 J92 L . -0.61 -5.37 12.42
C8 J92 L . 0.03 -6.19 13.33
CL1 J92 L . 0.91 -7.61 12.67
S14 J92 L . -2.00 -3.36 11.52
C15 J92 L . -3.71 -3.10 11.15
C20 J92 L . -3.80 -3.29 9.61
C19 J92 L . -5.20 -3.66 9.06
C18 J92 L . -5.81 -4.86 9.78
C17 J92 L . -4.99 -5.21 11.01
C16 J92 L . -4.69 -3.99 11.89
#